data_6PUZ
#
_entry.id   6PUZ
#
_cell.length_a   1.00
_cell.length_b   1.00
_cell.length_c   1.00
_cell.angle_alpha   90.00
_cell.angle_beta   90.00
_cell.angle_gamma   90.00
#
_symmetry.space_group_name_H-M   'P 1'
#
loop_
_entity.id
_entity.type
_entity.pdbx_description
1 polymer 'Chimeric Sso7d and HIV-1 integrase'
2 polymer 'viral DNA non-transferred strand'
3 polymer 'viral DNA transferred strand'
4 non-polymer 'MAGNESIUM ION'
5 non-polymer 'ZINC ION'
6 non-polymer 4-azanyl-N-[[2,4-bis(fluoranyl)phenyl]methyl]-1-oxidanyl-2-oxidanylidene-6-[2-(phenylsulfonyl)ethyl]-1,8-naphthyridine-3-carboxamide
7 water water
#
loop_
_entity_poly.entity_id
_entity_poly.type
_entity_poly.pdbx_seq_one_letter_code
_entity_poly.pdbx_strand_id
1 'polypeptide(L)'
;MGSSHHHHHHSSGLVPRGSHMATVKFKYKGEEKEVDISKIKKVWRVGKMISFTYDEGGGKTGRGAVSEKDAPKELLQMLE
KQKKGGGGGGGGGGGFLDGIDKAQEEHEKYHSNWRAMASDFNLPPVVAKEIVASCDKCQLKGEAMHGQVDCSPGIWQLDC
THLEGKVILVAVHVASGYIEAEVIPAETGQETAYFLLKLAGRWPVKTVHTDNGSNFTSTTVKAACWWAGIKQEFGIPYNP
QSQGVIESMNKELKKIIGQVRDQAEHLKTAVQMAVFIHNFKRKGGIGGYSAGERIVDIIATDIQTKELQKQITKIQNFRV
YYRDSRDPVWKGPAKLLWKGEGAVVIQDNSDIKVVPRRKAKIIRDYGKQMAGDDCVASRQDED
;
A,B,C,D
2 'polydeoxyribonucleotide'
;(DA)(DC)(DT)(DG)(DC)(DT)(DA)(DG)(DA)(DG)(DA)(DT)(DT)(DT)(DT)(DC)(DC)(DC)(DG)(DC)
(DC)(DC)(DA)(DC)(DG)(DC)(DT)
;
E
3 'polydeoxyribonucleotide'
;(DA)(DG)(DC)(DG)(DT)(DG)(DG)(DG)(DC)(DG)(DG)(DG)(DA)(DA)(DA)(DA)(DT)(DC)(DT)(DC)
(DT)(DA)(DG)(DC)(DA)
;
F
#
loop_
_chem_comp.id
_chem_comp.type
_chem_comp.name
_chem_comp.formula
DA DNA linking 2'-DEOXYADENOSINE-5'-MONOPHOSPHATE 'C10 H14 N5 O6 P'
DC DNA linking 2'-DEOXYCYTIDINE-5'-MONOPHOSPHATE 'C9 H14 N3 O7 P'
DG DNA linking 2'-DEOXYGUANOSINE-5'-MONOPHOSPHATE 'C10 H14 N5 O7 P'
DT DNA linking THYMIDINE-5'-MONOPHOSPHATE 'C10 H15 N2 O8 P'
MG non-polymer 'MAGNESIUM ION' 'Mg 2'
XXJ non-polymer 4-azanyl-N-[[2,4-bis(fluoranyl)phenyl]methyl]-1-oxidanyl-2-oxidanylidene-6-[2-(phenylsulfonyl)ethyl]-1,8-naphthyridine-3-carboxamide 'C24 H20 F2 N4 O5 S'
ZN non-polymer 'ZINC ION' 'Zn 2'
#
# COMPACT_ATOMS: atom_id res chain seq x y z
N PHE A 96 -21.78 55.05 -10.78
CA PHE A 96 -22.38 54.18 -9.79
C PHE A 96 -21.71 54.32 -8.43
N LEU A 97 -21.01 55.43 -8.22
CA LEU A 97 -20.28 55.64 -6.98
C LEU A 97 -21.21 55.94 -5.81
N ASP A 98 -22.37 56.54 -6.06
CA ASP A 98 -23.38 56.66 -5.02
C ASP A 98 -24.03 55.31 -4.72
N GLY A 99 -24.12 54.45 -5.73
CA GLY A 99 -24.61 53.10 -5.55
C GLY A 99 -23.75 52.26 -4.63
N ILE A 100 -22.45 52.56 -4.55
CA ILE A 100 -21.57 51.85 -3.62
C ILE A 100 -21.96 52.15 -2.18
N ASP A 101 -22.19 53.43 -1.86
CA ASP A 101 -22.60 53.81 -0.52
C ASP A 101 -23.99 53.29 -0.17
N LYS A 102 -24.93 53.35 -1.11
CA LYS A 102 -26.26 52.83 -0.83
C LYS A 102 -26.28 51.32 -0.71
N ALA A 103 -25.47 50.61 -1.51
CA ALA A 103 -25.36 49.16 -1.39
C ALA A 103 -24.67 48.76 -0.11
N GLN A 104 -23.71 49.55 0.36
CA GLN A 104 -23.08 49.27 1.65
C GLN A 104 -24.05 49.46 2.80
N GLU A 105 -24.83 50.55 2.77
CA GLU A 105 -25.73 50.78 3.89
C GLU A 105 -26.96 49.91 3.84
N GLU A 106 -27.26 49.26 2.70
CA GLU A 106 -28.25 48.20 2.75
C GLU A 106 -27.65 46.83 3.00
N HIS A 107 -26.37 46.62 2.73
CA HIS A 107 -25.74 45.36 3.12
C HIS A 107 -25.53 45.30 4.62
N GLU A 108 -25.38 46.45 5.29
CA GLU A 108 -25.30 46.43 6.73
C GLU A 108 -26.64 46.11 7.41
N LYS A 109 -27.74 46.15 6.67
CA LYS A 109 -29.05 45.74 7.16
C LYS A 109 -29.40 44.32 6.71
N TYR A 110 -29.41 44.08 5.41
CA TYR A 110 -29.98 42.88 4.85
C TYR A 110 -28.97 41.79 4.57
N HIS A 111 -27.69 42.16 4.45
CA HIS A 111 -26.59 41.28 4.04
C HIS A 111 -26.92 40.61 2.72
N SER A 112 -27.09 41.45 1.70
CA SER A 112 -27.42 40.99 0.36
C SER A 112 -26.22 40.26 -0.22
N ASN A 113 -26.48 39.33 -1.14
CA ASN A 113 -25.36 38.77 -1.88
C ASN A 113 -24.96 39.75 -2.98
N TRP A 114 -23.94 39.38 -3.76
CA TRP A 114 -23.42 40.33 -4.73
C TRP A 114 -24.37 40.53 -5.90
N ARG A 115 -25.14 39.51 -6.25
CA ARG A 115 -26.03 39.64 -7.40
C ARG A 115 -27.22 40.54 -7.09
N ALA A 116 -27.69 40.53 -5.85
CA ALA A 116 -28.78 41.41 -5.45
C ALA A 116 -28.36 42.87 -5.46
N MET A 117 -27.17 43.17 -4.94
CA MET A 117 -26.67 44.54 -4.95
C MET A 117 -26.28 44.99 -6.34
N ALA A 118 -25.74 44.11 -7.17
CA ALA A 118 -25.39 44.45 -8.55
C ALA A 118 -26.65 44.68 -9.38
N SER A 119 -27.75 44.01 -9.05
CA SER A 119 -29.00 44.27 -9.77
C SER A 119 -29.69 45.53 -9.25
N ASP A 120 -29.70 45.74 -7.94
CA ASP A 120 -30.50 46.82 -7.36
C ASP A 120 -29.81 48.17 -7.46
N PHE A 121 -28.48 48.20 -7.47
CA PHE A 121 -27.76 49.46 -7.42
C PHE A 121 -26.87 49.70 -8.63
N ASN A 122 -27.00 48.88 -9.67
CA ASN A 122 -26.27 48.98 -10.94
C ASN A 122 -24.76 48.95 -10.72
N LEU A 123 -24.34 48.09 -9.86
CA LEU A 123 -22.91 47.96 -9.67
C LEU A 123 -22.35 46.91 -10.62
N PRO A 124 -21.08 47.05 -11.03
CA PRO A 124 -20.40 45.95 -11.68
C PRO A 124 -20.17 44.82 -10.69
N PRO A 125 -19.99 43.58 -11.16
CA PRO A 125 -19.87 42.44 -10.24
C PRO A 125 -18.67 42.49 -9.30
N VAL A 126 -17.58 43.12 -9.71
CA VAL A 126 -16.39 43.18 -8.86
C VAL A 126 -16.65 44.08 -7.65
N VAL A 127 -17.44 45.14 -7.84
CA VAL A 127 -17.71 46.09 -6.76
C VAL A 127 -18.67 45.49 -5.75
N ALA A 128 -19.73 44.83 -6.22
CA ALA A 128 -20.67 44.16 -5.33
C ALA A 128 -20.01 42.99 -4.61
N LYS A 129 -19.12 42.29 -5.30
CA LYS A 129 -18.35 41.23 -4.65
C LYS A 129 -17.41 41.78 -3.59
N GLU A 130 -16.88 42.99 -3.80
CA GLU A 130 -16.05 43.61 -2.76
C GLU A 130 -16.88 44.11 -1.59
N ILE A 131 -18.14 44.49 -1.82
CA ILE A 131 -19.00 44.85 -0.70
C ILE A 131 -19.36 43.62 0.13
N VAL A 132 -19.60 42.48 -0.52
CA VAL A 132 -19.86 41.25 0.21
C VAL A 132 -18.60 40.78 0.93
N ALA A 133 -17.45 40.84 0.26
CA ALA A 133 -16.21 40.29 0.79
C ALA A 133 -15.63 41.10 1.93
N SER A 134 -16.10 42.31 2.15
CA SER A 134 -15.66 43.11 3.27
C SER A 134 -16.52 42.92 4.52
N CYS A 135 -17.68 42.31 4.39
CA CYS A 135 -18.54 42.03 5.52
C CYS A 135 -18.04 40.78 6.23
N ASP A 136 -17.78 40.90 7.53
CA ASP A 136 -17.33 39.76 8.31
C ASP A 136 -18.46 38.79 8.59
N LYS A 137 -19.70 39.27 8.55
CA LYS A 137 -20.86 38.42 8.82
C LYS A 137 -21.26 37.56 7.63
N CYS A 138 -20.62 37.73 6.48
CA CYS A 138 -21.00 37.03 5.27
C CYS A 138 -20.01 35.96 4.84
N GLN A 139 -18.93 35.77 5.59
CA GLN A 139 -17.94 34.74 5.28
C GLN A 139 -18.30 33.50 6.11
N LEU A 140 -19.13 32.65 5.51
CA LEU A 140 -19.77 31.56 6.23
C LEU A 140 -19.64 30.26 5.45
N LYS A 141 -18.83 30.25 4.41
CA LYS A 141 -18.68 29.06 3.58
C LYS A 141 -17.22 28.87 3.22
N GLY A 142 -16.78 27.62 3.24
CA GLY A 142 -15.42 27.27 2.91
C GLY A 142 -15.28 26.83 1.45
N GLU A 143 -14.06 26.46 1.11
CA GLU A 143 -13.72 26.07 -0.25
C GLU A 143 -14.32 24.71 -0.59
N ALA A 144 -14.95 24.61 -1.75
CA ALA A 144 -15.60 23.38 -2.18
C ALA A 144 -14.56 22.49 -2.86
N MET A 145 -13.76 21.83 -2.03
CA MET A 145 -12.76 20.89 -2.49
C MET A 145 -12.64 19.79 -1.44
N HIS A 146 -11.67 18.91 -1.62
CA HIS A 146 -11.26 17.98 -0.58
C HIS A 146 -9.76 17.85 -0.69
N GLY A 147 -9.12 17.49 0.42
CA GLY A 147 -7.71 17.18 0.42
C GLY A 147 -7.46 15.77 -0.05
N GLN A 148 -6.22 15.34 0.08
CA GLN A 148 -5.77 14.03 -0.39
C GLN A 148 -4.79 13.46 0.61
N VAL A 149 -5.15 12.34 1.24
CA VAL A 149 -4.34 11.76 2.30
C VAL A 149 -3.02 11.22 1.77
N ASP A 150 -2.07 11.00 2.66
CA ASP A 150 -0.75 10.48 2.32
C ASP A 150 -0.88 9.00 1.96
N CYS A 151 -0.71 8.67 0.67
CA CYS A 151 -0.71 7.29 0.22
C CYS A 151 0.70 6.74 0.02
N SER A 152 1.56 6.88 1.02
CA SER A 152 2.92 6.32 0.94
C SER A 152 2.89 4.84 1.31
N PRO A 153 3.95 4.08 0.98
CA PRO A 153 3.97 2.68 1.39
C PRO A 153 4.25 2.46 2.87
N GLY A 154 4.64 3.50 3.61
CA GLY A 154 4.97 3.30 5.01
C GLY A 154 3.92 3.80 5.96
N ILE A 155 3.01 4.63 5.47
CA ILE A 155 1.99 5.25 6.32
C ILE A 155 0.89 4.25 6.61
N TRP A 156 0.47 4.18 7.87
CA TRP A 156 -0.66 3.38 8.31
C TRP A 156 -1.64 4.30 9.00
N GLN A 157 -2.94 3.97 8.92
CA GLN A 157 -3.97 4.76 9.56
C GLN A 157 -4.68 3.89 10.59
N LEU A 158 -4.72 4.35 11.83
CA LEU A 158 -5.27 3.59 12.94
C LEU A 158 -6.48 4.31 13.50
N ASP A 159 -7.46 3.53 13.95
CA ASP A 159 -8.66 4.09 14.55
C ASP A 159 -9.32 3.04 15.43
N CYS A 160 -9.97 3.49 16.49
CA CYS A 160 -10.80 2.61 17.29
C CYS A 160 -12.25 2.76 16.86
N THR A 161 -12.88 1.64 16.56
CA THR A 161 -14.30 1.57 16.29
C THR A 161 -14.97 0.76 17.39
N HIS A 162 -16.30 0.82 17.45
CA HIS A 162 -17.05 0.18 18.51
C HIS A 162 -18.12 -0.71 17.92
N LEU A 163 -18.27 -1.91 18.45
CA LEU A 163 -19.27 -2.85 17.99
C LEU A 163 -19.64 -3.76 19.14
N GLU A 164 -20.96 -3.88 19.39
CA GLU A 164 -21.54 -4.76 20.42
C GLU A 164 -21.00 -4.46 21.82
N GLY A 165 -20.73 -3.19 22.10
CA GLY A 165 -20.17 -2.82 23.39
C GLY A 165 -18.71 -3.16 23.56
N LYS A 166 -18.00 -3.44 22.47
CA LYS A 166 -16.60 -3.78 22.52
C LYS A 166 -15.82 -2.88 21.58
N VAL A 167 -14.55 -2.69 21.89
CA VAL A 167 -13.69 -1.77 21.17
C VAL A 167 -12.81 -2.59 20.23
N ILE A 168 -12.79 -2.21 18.95
CA ILE A 168 -11.97 -2.85 17.94
C ILE A 168 -10.97 -1.82 17.46
N LEU A 169 -9.69 -2.09 17.69
CA LEU A 169 -8.62 -1.25 17.17
C LEU A 169 -8.23 -1.75 15.78
N VAL A 170 -8.38 -0.89 14.78
CA VAL A 170 -8.20 -1.23 13.38
C VAL A 170 -7.04 -0.40 12.83
N ALA A 171 -6.23 -1.01 11.97
CA ALA A 171 -5.19 -0.32 11.23
C ALA A 171 -5.34 -0.68 9.76
N VAL A 172 -5.04 0.27 8.89
CA VAL A 172 -5.07 0.06 7.45
C VAL A 172 -3.74 0.53 6.88
N HIS A 173 -3.24 -0.22 5.90
CA HIS A 173 -2.18 0.25 5.04
C HIS A 173 -2.80 1.10 3.94
N VAL A 174 -2.46 2.38 3.91
CA VAL A 174 -3.16 3.35 3.07
C VAL A 174 -2.88 3.10 1.60
N ALA A 175 -1.69 2.62 1.27
CA ALA A 175 -1.35 2.36 -0.12
C ALA A 175 -2.06 1.14 -0.68
N SER A 176 -2.39 0.17 0.14
CA SER A 176 -2.90 -1.11 -0.35
C SER A 176 -4.30 -1.45 0.14
N GLY A 177 -4.71 -0.95 1.31
CA GLY A 177 -5.98 -1.31 1.88
C GLY A 177 -5.92 -2.51 2.80
N TYR A 178 -4.73 -3.01 3.08
CA TYR A 178 -4.55 -4.15 3.97
C TYR A 178 -4.86 -3.73 5.40
N ILE A 179 -5.75 -4.45 6.07
CA ILE A 179 -6.17 -4.09 7.40
C ILE A 179 -5.66 -5.12 8.41
N GLU A 180 -5.56 -4.66 9.65
CA GLU A 180 -5.25 -5.49 10.81
C GLU A 180 -6.12 -4.98 11.94
N ALA A 181 -7.07 -5.78 12.40
CA ALA A 181 -7.96 -5.36 13.46
C ALA A 181 -7.86 -6.32 14.64
N GLU A 182 -8.19 -5.82 15.82
CA GLU A 182 -8.17 -6.64 17.02
C GLU A 182 -9.16 -6.09 18.02
N VAL A 183 -9.94 -6.96 18.64
CA VAL A 183 -10.80 -6.57 19.75
C VAL A 183 -9.90 -6.38 20.98
N ILE A 184 -9.95 -5.17 21.56
CA ILE A 184 -9.11 -4.84 22.71
C ILE A 184 -10.01 -4.72 23.95
N PRO A 185 -9.49 -5.00 25.16
CA PRO A 185 -10.34 -4.93 26.35
C PRO A 185 -10.77 -3.53 26.73
N ALA A 186 -9.88 -2.56 26.54
CA ALA A 186 -10.18 -1.17 26.82
C ALA A 186 -9.54 -0.29 25.76
N GLU A 187 -10.01 0.96 25.69
CA GLU A 187 -9.50 1.94 24.74
C GLU A 187 -8.39 2.79 25.32
N THR A 188 -7.53 2.20 26.16
CA THR A 188 -6.42 2.91 26.74
C THR A 188 -5.25 2.97 25.77
N GLY A 189 -4.24 3.76 26.12
CA GLY A 189 -3.03 3.81 25.32
C GLY A 189 -2.06 2.68 25.58
N GLN A 190 -2.14 2.07 26.77
CA GLN A 190 -1.34 0.89 27.08
C GLN A 190 -1.70 -0.28 26.17
N GLU A 191 -2.97 -0.40 25.81
CA GLU A 191 -3.43 -1.46 24.94
C GLU A 191 -3.24 -1.10 23.46
N THR A 192 -3.16 0.19 23.14
CA THR A 192 -2.91 0.65 21.79
C THR A 192 -1.43 0.51 21.43
N ALA A 193 -0.54 0.78 22.39
CA ALA A 193 0.89 0.67 22.15
C ALA A 193 1.31 -0.78 21.92
N TYR A 194 0.64 -1.73 22.55
CA TYR A 194 0.91 -3.14 22.31
C TYR A 194 0.50 -3.54 20.89
N PHE A 195 -0.68 -3.10 20.45
CA PHE A 195 -1.15 -3.32 19.09
C PHE A 195 -0.20 -2.71 18.07
N LEU A 196 0.31 -1.51 18.36
CA LEU A 196 1.14 -0.81 17.41
C LEU A 196 2.54 -1.41 17.34
N LEU A 197 3.09 -1.84 18.48
CA LEU A 197 4.38 -2.50 18.49
C LEU A 197 4.30 -3.86 17.81
N LYS A 198 3.20 -4.57 18.01
CA LYS A 198 2.95 -5.84 17.33
C LYS A 198 2.84 -5.64 15.81
N LEU A 199 2.11 -4.60 15.38
CA LEU A 199 1.96 -4.31 13.96
C LEU A 199 3.28 -3.91 13.34
N ALA A 200 4.08 -3.10 14.04
CA ALA A 200 5.39 -2.72 13.53
C ALA A 200 6.34 -3.90 13.47
N GLY A 201 6.16 -4.87 14.37
CA GLY A 201 6.92 -6.11 14.26
C GLY A 201 6.50 -6.96 13.08
N ARG A 202 5.23 -6.86 12.67
CA ARG A 202 4.77 -7.68 11.55
C ARG A 202 5.17 -7.07 10.20
N TRP A 203 4.91 -5.79 9.99
CA TRP A 203 5.06 -5.12 8.71
C TRP A 203 5.99 -3.93 8.85
N PRO A 204 6.58 -3.43 7.75
CA PRO A 204 7.41 -2.22 7.86
C PRO A 204 6.59 -0.95 8.05
N VAL A 205 6.24 -0.66 9.29
CA VAL A 205 5.48 0.55 9.62
C VAL A 205 6.44 1.71 9.78
N LYS A 206 6.31 2.72 8.92
CA LYS A 206 7.15 3.90 8.98
C LYS A 206 6.45 5.10 9.59
N THR A 207 5.17 5.28 9.34
CA THR A 207 4.43 6.43 9.82
C THR A 207 3.04 5.93 10.21
N VAL A 208 2.48 6.50 11.28
CA VAL A 208 1.14 6.16 11.75
C VAL A 208 0.33 7.44 11.83
N HIS A 209 -0.82 7.45 11.15
CA HIS A 209 -1.71 8.60 11.14
C HIS A 209 -2.96 8.26 11.92
N THR A 210 -3.18 8.94 13.04
CA THR A 210 -4.35 8.73 13.86
C THR A 210 -5.08 10.05 14.04
N ASP A 211 -6.24 9.97 14.67
CA ASP A 211 -6.92 11.16 15.14
C ASP A 211 -6.41 11.49 16.54
N ASN A 212 -7.12 12.38 17.08
CA ASN A 212 -6.67 12.91 18.36
C ASN A 212 -7.38 12.26 19.53
N GLY A 213 -7.71 10.97 19.37
CA GLY A 213 -8.21 10.13 20.48
C GLY A 213 -7.15 10.01 21.56
N SER A 214 -7.58 9.95 22.83
CA SER A 214 -6.62 9.87 23.97
C SER A 214 -5.76 8.62 23.82
N ASN A 215 -6.34 7.52 23.30
CA ASN A 215 -5.58 6.27 23.10
C ASN A 215 -4.30 6.59 22.32
N PHE A 216 -4.44 7.23 21.16
CA PHE A 216 -3.27 7.52 20.28
C PHE A 216 -2.46 8.72 20.78
N THR A 217 -3.05 9.62 21.56
CA THR A 217 -2.31 10.85 21.95
C THR A 217 -1.43 10.63 23.19
N SER A 218 -1.53 9.46 23.82
CA SER A 218 -0.85 9.19 25.07
C SER A 218 0.67 9.06 25.02
N THR A 219 1.29 9.11 26.20
CA THR A 219 2.73 8.93 26.30
C THR A 219 3.15 7.49 26.07
N THR A 220 2.23 6.55 26.26
CA THR A 220 2.55 5.14 26.07
C THR A 220 2.71 4.80 24.59
N VAL A 221 1.78 5.26 23.75
CA VAL A 221 1.91 5.08 22.32
C VAL A 221 3.04 5.92 21.75
N LYS A 222 3.33 7.06 22.39
CA LYS A 222 4.46 7.88 21.97
C LYS A 222 5.79 7.18 22.23
N ALA A 223 6.01 6.35 23.30
CA ALA A 223 7.21 5.59 23.61
C ALA A 223 7.34 4.35 22.74
N ALA A 224 6.21 3.69 22.41
CA ALA A 224 6.26 2.55 21.52
C ALA A 224 6.64 2.96 20.11
N CYS A 225 6.16 4.13 19.65
CA CYS A 225 6.53 4.64 18.34
C CYS A 225 7.98 5.09 18.30
N TRP A 226 8.49 5.62 19.41
CA TRP A 226 9.90 5.98 19.47
C TRP A 226 10.78 4.75 19.45
N TRP A 227 10.35 3.68 20.13
CA TRP A 227 11.13 2.44 20.11
C TRP A 227 11.12 1.81 18.73
N ALA A 228 9.94 1.67 18.13
CA ALA A 228 9.85 1.02 16.83
C ALA A 228 10.28 1.91 15.68
N GLY A 229 10.58 3.19 15.93
CA GLY A 229 10.98 4.08 14.87
C GLY A 229 9.86 4.59 14.03
N ILE A 230 8.67 4.70 14.58
CA ILE A 230 7.49 5.12 13.82
C ILE A 230 7.30 6.62 14.02
N LYS A 231 6.99 7.31 12.94
CA LYS A 231 6.63 8.72 12.97
C LYS A 231 5.14 8.83 13.25
N GLN A 232 4.77 9.75 14.14
CA GLN A 232 3.36 9.93 14.51
C GLN A 232 2.81 11.19 13.86
N GLU A 233 1.78 11.01 13.04
CA GLU A 233 1.01 12.12 12.49
C GLU A 233 -0.37 12.09 13.10
N PHE A 234 -0.88 13.26 13.45
CA PHE A 234 -2.22 13.39 14.00
C PHE A 234 -3.03 14.27 13.07
N GLY A 235 -4.28 13.88 12.85
CA GLY A 235 -5.14 14.67 12.02
C GLY A 235 -5.56 15.96 12.70
N ILE A 236 -6.12 16.86 11.92
CA ILE A 236 -6.69 18.10 12.43
C ILE A 236 -7.88 17.71 13.30
N PRO A 237 -7.99 18.24 14.53
CA PRO A 237 -9.06 17.83 15.45
C PRO A 237 -10.46 18.07 14.95
N TYR A 238 -11.36 17.13 15.26
CA TYR A 238 -12.76 17.09 14.85
C TYR A 238 -12.91 17.14 13.33
N ASN A 239 -11.98 16.48 12.63
CA ASN A 239 -12.01 16.37 11.18
C ASN A 239 -11.65 14.93 10.86
N PRO A 240 -12.63 14.03 10.80
CA PRO A 240 -12.32 12.62 10.53
C PRO A 240 -12.00 12.34 9.08
N GLN A 241 -12.18 13.31 8.19
CA GLN A 241 -11.85 13.15 6.77
C GLN A 241 -10.36 12.94 6.57
N SER A 242 -9.54 13.50 7.47
CA SER A 242 -8.10 13.26 7.47
C SER A 242 -7.77 11.79 7.64
N GLN A 243 -8.62 11.03 8.32
CA GLN A 243 -8.46 9.60 8.46
C GLN A 243 -9.43 8.85 7.56
N GLY A 244 -9.77 9.43 6.42
CA GLY A 244 -10.84 8.92 5.58
C GLY A 244 -10.64 7.53 5.03
N VAL A 245 -9.39 7.04 5.01
CA VAL A 245 -9.16 5.65 4.65
C VAL A 245 -9.66 4.73 5.74
N ILE A 246 -9.18 4.91 6.97
CA ILE A 246 -9.41 3.91 8.01
C ILE A 246 -10.87 3.93 8.43
N GLU A 247 -11.48 5.11 8.46
CA GLU A 247 -12.90 5.23 8.75
C GLU A 247 -13.73 4.49 7.71
N SER A 248 -13.34 4.62 6.44
CA SER A 248 -14.01 3.85 5.38
C SER A 248 -13.83 2.37 5.61
N MET A 249 -12.62 1.96 5.99
CA MET A 249 -12.38 0.56 6.27
C MET A 249 -13.14 0.10 7.49
N ASN A 250 -13.35 1.01 8.45
CA ASN A 250 -14.22 0.76 9.60
C ASN A 250 -15.58 0.31 9.14
N LYS A 251 -16.15 1.06 8.18
CA LYS A 251 -17.45 0.72 7.60
C LYS A 251 -17.41 -0.66 6.99
N GLU A 252 -16.38 -0.91 6.16
CA GLU A 252 -16.28 -2.16 5.44
C GLU A 252 -16.06 -3.31 6.41
N LEU A 253 -15.30 -3.06 7.48
CA LEU A 253 -15.02 -4.11 8.45
C LEU A 253 -16.30 -4.54 9.13
N LYS A 254 -17.12 -3.55 9.53
CA LYS A 254 -18.37 -3.85 10.19
C LYS A 254 -19.32 -4.56 9.26
N LYS A 255 -19.27 -4.19 7.97
CA LYS A 255 -20.10 -4.83 6.96
C LYS A 255 -19.79 -6.31 6.88
N ILE A 256 -18.49 -6.64 6.85
CA ILE A 256 -18.13 -8.05 6.72
C ILE A 256 -18.44 -8.80 8.01
N ILE A 257 -18.39 -8.10 9.15
CA ILE A 257 -18.73 -8.74 10.41
C ILE A 257 -20.21 -9.09 10.44
N GLY A 258 -21.03 -8.23 9.81
CA GLY A 258 -22.45 -8.51 9.71
C GLY A 258 -22.77 -9.70 8.83
N GLN A 259 -21.83 -10.13 8.00
CA GLN A 259 -22.05 -11.32 7.20
C GLN A 259 -21.50 -12.57 7.86
N VAL A 260 -20.61 -12.45 8.84
CA VAL A 260 -20.02 -13.63 9.47
C VAL A 260 -20.23 -13.64 10.97
N ARG A 261 -21.21 -12.88 11.47
CA ARG A 261 -21.45 -12.84 12.91
C ARG A 261 -22.03 -14.15 13.43
N ASP A 262 -22.76 -14.87 12.58
CA ASP A 262 -23.35 -16.14 12.99
C ASP A 262 -22.42 -17.33 12.80
N GLN A 263 -21.31 -17.17 12.08
CA GLN A 263 -20.35 -18.25 11.93
C GLN A 263 -19.45 -18.41 13.14
N ALA A 264 -19.42 -17.45 14.03
CA ALA A 264 -18.58 -17.48 15.22
C ALA A 264 -19.43 -17.18 16.45
N GLU A 265 -18.91 -17.59 17.60
CA GLU A 265 -19.59 -17.31 18.86
C GLU A 265 -19.21 -15.99 19.49
N HIS A 266 -17.93 -15.65 19.48
CA HIS A 266 -17.44 -14.42 20.07
C HIS A 266 -17.12 -13.40 18.99
N LEU A 267 -17.10 -12.14 19.39
CA LEU A 267 -16.88 -11.05 18.44
C LEU A 267 -15.45 -11.02 17.91
N LYS A 268 -14.47 -11.43 18.73
CA LYS A 268 -13.07 -11.40 18.30
C LYS A 268 -12.81 -12.39 17.17
N THR A 269 -13.46 -13.55 17.22
CA THR A 269 -13.36 -14.51 16.14
C THR A 269 -13.97 -13.98 14.85
N ALA A 270 -15.12 -13.31 14.94
CA ALA A 270 -15.75 -12.73 13.76
C ALA A 270 -14.95 -11.55 13.22
N VAL A 271 -14.26 -10.82 14.09
CA VAL A 271 -13.41 -9.72 13.65
C VAL A 271 -12.22 -10.27 12.87
N GLN A 272 -11.59 -11.33 13.37
CA GLN A 272 -10.45 -11.90 12.64
C GLN A 272 -10.89 -12.61 11.36
N MET A 273 -12.10 -13.18 11.36
CA MET A 273 -12.66 -13.74 10.14
C MET A 273 -12.92 -12.66 9.10
N ALA A 274 -13.40 -11.49 9.53
CA ALA A 274 -13.60 -10.39 8.60
C ALA A 274 -12.28 -9.81 8.10
N VAL A 275 -11.24 -9.82 8.93
CA VAL A 275 -9.92 -9.39 8.49
C VAL A 275 -9.38 -10.33 7.43
N PHE A 276 -9.60 -11.64 7.61
CA PHE A 276 -9.27 -12.65 6.60
C PHE A 276 -10.01 -12.39 5.29
N ILE A 277 -11.31 -12.13 5.37
CA ILE A 277 -12.13 -11.97 4.18
C ILE A 277 -11.76 -10.70 3.43
N HIS A 278 -11.48 -9.61 4.16
CA HIS A 278 -11.08 -8.38 3.49
C HIS A 278 -9.70 -8.52 2.87
N ASN A 279 -8.78 -9.19 3.55
CA ASN A 279 -7.41 -9.23 3.05
C ASN A 279 -7.23 -10.24 1.93
N PHE A 280 -8.07 -11.27 1.84
CA PHE A 280 -7.81 -12.34 0.89
C PHE A 280 -9.00 -12.79 0.08
N LYS A 281 -10.23 -12.42 0.42
CA LYS A 281 -11.40 -12.92 -0.28
C LYS A 281 -12.19 -11.82 -0.96
N ARG A 282 -11.68 -10.59 -0.95
CA ARG A 282 -12.30 -9.48 -1.65
C ARG A 282 -11.29 -8.93 -2.64
N LYS A 283 -11.53 -9.12 -3.92
CA LYS A 283 -10.64 -8.63 -4.95
C LYS A 283 -11.25 -7.42 -5.65
N GLY A 284 -10.40 -6.66 -6.32
CA GLY A 284 -10.77 -5.40 -6.91
C GLY A 284 -9.88 -4.31 -6.39
N GLY A 285 -9.68 -3.27 -7.17
CA GLY A 285 -8.80 -2.19 -6.77
C GLY A 285 -7.93 -1.77 -7.94
N ILE A 286 -6.67 -1.47 -7.66
CA ILE A 286 -5.78 -0.95 -8.69
C ILE A 286 -5.16 -2.04 -9.56
N GLY A 287 -5.16 -3.29 -9.11
CA GLY A 287 -4.57 -4.33 -9.93
C GLY A 287 -5.45 -5.56 -10.01
N GLY A 288 -6.72 -5.40 -9.65
CA GLY A 288 -7.59 -6.54 -9.48
C GLY A 288 -7.17 -7.44 -8.34
N TYR A 289 -6.51 -6.88 -7.34
CA TYR A 289 -5.88 -7.60 -6.26
C TYR A 289 -6.80 -7.72 -5.07
N SER A 290 -6.46 -8.63 -4.17
CA SER A 290 -6.93 -8.52 -2.81
C SER A 290 -5.99 -7.59 -2.05
N ALA A 291 -6.34 -7.27 -0.81
CA ALA A 291 -5.53 -6.32 -0.05
C ALA A 291 -4.19 -6.92 0.36
N GLY A 292 -4.14 -8.24 0.61
CA GLY A 292 -2.88 -8.88 0.95
C GLY A 292 -1.95 -9.00 -0.23
N GLU A 293 -2.48 -9.34 -1.41
CA GLU A 293 -1.68 -9.34 -2.62
C GLU A 293 -1.19 -7.95 -2.97
N ARG A 294 -2.00 -6.93 -2.71
CA ARG A 294 -1.59 -5.57 -3.01
C ARG A 294 -0.53 -5.07 -2.04
N ILE A 295 -0.60 -5.47 -0.76
CA ILE A 295 0.45 -5.01 0.15
C ILE A 295 1.76 -5.74 -0.12
N VAL A 296 1.70 -7.01 -0.54
CA VAL A 296 2.93 -7.73 -0.87
C VAL A 296 3.54 -7.15 -2.14
N ASP A 297 2.70 -6.81 -3.12
CA ASP A 297 3.17 -6.17 -4.34
C ASP A 297 3.76 -4.79 -4.07
N ILE A 298 3.14 -4.02 -3.18
CA ILE A 298 3.59 -2.66 -2.92
C ILE A 298 4.91 -2.67 -2.16
N ILE A 299 5.07 -3.55 -1.18
CA ILE A 299 6.30 -3.57 -0.40
C ILE A 299 7.44 -4.20 -1.20
N ALA A 300 7.14 -5.24 -1.99
CA ALA A 300 8.15 -5.83 -2.86
C ALA A 300 8.56 -4.85 -3.95
N THR A 301 7.61 -4.07 -4.47
CA THR A 301 7.92 -3.05 -5.47
C THR A 301 8.77 -1.94 -4.87
N ASP A 302 8.51 -1.56 -3.63
CA ASP A 302 9.30 -0.51 -3.00
C ASP A 302 10.74 -0.97 -2.78
N ILE A 303 10.91 -2.22 -2.33
CA ILE A 303 12.25 -2.78 -2.15
C ILE A 303 12.99 -2.90 -3.49
N GLN A 304 12.31 -3.44 -4.50
CA GLN A 304 12.94 -3.69 -5.80
C GLN A 304 13.27 -2.40 -6.53
N THR A 305 12.38 -1.40 -6.46
CA THR A 305 12.67 -0.12 -7.10
C THR A 305 13.73 0.66 -6.36
N LYS A 306 13.81 0.55 -5.03
CA LYS A 306 14.89 1.20 -4.32
C LYS A 306 16.24 0.59 -4.67
N GLU A 307 16.29 -0.75 -4.77
CA GLU A 307 17.52 -1.42 -5.19
C GLU A 307 17.90 -1.07 -6.62
N LEU A 308 16.92 -1.04 -7.53
CA LEU A 308 17.19 -0.72 -8.92
C LEU A 308 17.65 0.72 -9.10
N GLN A 309 17.06 1.66 -8.38
CA GLN A 309 17.50 3.05 -8.50
C GLN A 309 18.85 3.26 -7.83
N LYS A 310 19.14 2.55 -6.73
CA LYS A 310 20.45 2.65 -6.12
C LYS A 310 21.54 2.07 -7.02
N GLN A 311 21.19 1.07 -7.84
CA GLN A 311 22.17 0.56 -8.78
C GLN A 311 22.26 1.41 -10.04
N ILE A 312 21.19 2.13 -10.39
CA ILE A 312 21.23 2.99 -11.57
C ILE A 312 22.02 4.26 -11.30
N THR A 313 21.73 4.94 -10.18
CA THR A 313 22.34 6.24 -9.94
C THR A 313 23.81 6.18 -9.54
N LYS A 314 24.32 5.01 -9.15
CA LYS A 314 25.75 4.91 -8.87
C LYS A 314 26.56 4.72 -10.14
N ILE A 315 25.94 4.26 -11.21
CA ILE A 315 26.62 4.05 -12.48
C ILE A 315 26.35 5.18 -13.46
N GLN A 316 25.10 5.62 -13.56
CA GLN A 316 24.73 6.76 -14.40
C GLN A 316 25.05 8.04 -13.63
N ASN A 317 26.33 8.42 -13.62
CA ASN A 317 26.80 9.62 -12.94
C ASN A 317 27.15 10.66 -14.00
N PHE A 318 26.14 11.43 -14.40
CA PHE A 318 26.27 12.44 -15.44
C PHE A 318 25.98 13.81 -14.84
N ARG A 319 26.20 14.86 -15.64
CA ARG A 319 25.78 16.21 -15.28
C ARG A 319 25.13 16.86 -16.48
N VAL A 320 24.17 17.76 -16.25
CA VAL A 320 23.36 18.33 -17.33
C VAL A 320 23.46 19.84 -17.29
N TYR A 321 23.75 20.45 -18.44
CA TYR A 321 23.61 21.89 -18.60
C TYR A 321 22.46 22.19 -19.56
N TYR A 322 21.45 22.87 -19.04
CA TYR A 322 20.24 23.18 -19.78
C TYR A 322 20.15 24.70 -19.94
N ARG A 323 19.12 25.14 -20.67
CA ARG A 323 18.91 26.53 -21.08
C ARG A 323 20.13 27.12 -21.79
N LYS A 331 20.58 27.72 -15.51
CA LYS A 331 21.55 26.77 -16.03
C LYS A 331 22.27 26.05 -14.89
N GLY A 332 23.58 25.84 -15.05
CA GLY A 332 24.38 25.21 -14.03
C GLY A 332 24.34 23.69 -14.14
N PRO A 333 25.23 23.02 -13.41
CA PRO A 333 25.22 21.56 -13.41
C PRO A 333 24.03 21.02 -12.64
N ALA A 334 23.56 19.86 -13.08
CA ALA A 334 22.38 19.24 -12.50
C ALA A 334 22.54 17.73 -12.57
N LYS A 335 21.95 17.05 -11.59
CA LYS A 335 21.93 15.59 -11.57
C LYS A 335 21.01 15.08 -12.65
N LEU A 336 21.54 14.26 -13.54
CA LEU A 336 20.71 13.61 -14.55
C LEU A 336 19.87 12.53 -13.87
N LEU A 337 18.55 12.66 -13.97
CA LEU A 337 17.69 11.61 -13.46
C LEU A 337 17.25 10.66 -14.55
N TRP A 338 16.82 11.17 -15.69
CA TRP A 338 16.31 10.29 -16.74
C TRP A 338 16.55 10.92 -18.11
N LYS A 339 17.36 10.27 -18.93
CA LYS A 339 17.60 10.69 -20.29
C LYS A 339 16.63 9.96 -21.21
N GLY A 340 15.61 10.67 -21.68
CA GLY A 340 14.69 10.10 -22.63
C GLY A 340 14.98 10.57 -24.04
N GLU A 341 14.10 10.24 -24.98
CA GLU A 341 14.36 10.58 -26.38
C GLU A 341 13.86 11.98 -26.71
N GLY A 342 12.77 12.40 -26.09
CA GLY A 342 12.22 13.72 -26.36
C GLY A 342 12.25 14.66 -25.17
N ALA A 343 12.72 14.17 -24.02
CA ALA A 343 12.80 14.96 -22.81
C ALA A 343 13.91 14.44 -21.92
N VAL A 344 14.36 15.29 -21.00
CA VAL A 344 15.41 14.96 -20.05
C VAL A 344 14.96 15.46 -18.68
N VAL A 345 14.91 14.55 -17.70
CA VAL A 345 14.50 14.90 -16.35
C VAL A 345 15.75 15.05 -15.50
N ILE A 346 15.89 16.22 -14.86
CA ILE A 346 17.05 16.59 -14.07
C ILE A 346 16.60 16.99 -12.68
N GLN A 347 17.58 17.32 -11.83
CA GLN A 347 17.34 17.75 -10.46
C GLN A 347 18.44 18.70 -10.02
N ASP A 348 18.14 20.00 -10.01
CA ASP A 348 19.05 21.02 -9.49
C ASP A 348 18.30 21.88 -8.48
N ASN A 349 19.03 22.31 -7.43
CA ASN A 349 18.52 23.11 -6.32
C ASN A 349 17.33 22.41 -5.63
N SER A 350 17.49 21.09 -5.47
CA SER A 350 16.49 20.18 -4.91
C SER A 350 15.14 20.26 -5.65
N ASP A 351 15.18 20.46 -6.97
CA ASP A 351 13.96 20.65 -7.77
C ASP A 351 14.02 19.73 -8.98
N ILE A 352 13.18 18.69 -8.98
CA ILE A 352 13.10 17.77 -10.11
C ILE A 352 12.33 18.47 -11.23
N LYS A 353 12.97 18.62 -12.38
CA LYS A 353 12.44 19.42 -13.47
C LYS A 353 12.62 18.71 -14.80
N VAL A 354 11.59 18.75 -15.63
CA VAL A 354 11.61 18.14 -16.95
C VAL A 354 11.99 19.20 -17.98
N VAL A 355 12.87 18.83 -18.92
CA VAL A 355 13.46 19.76 -19.87
C VAL A 355 13.26 19.16 -21.25
N PRO A 356 12.95 19.98 -22.25
CA PRO A 356 12.95 19.48 -23.64
C PRO A 356 14.34 19.03 -24.06
N ARG A 357 14.36 18.07 -25.00
CA ARG A 357 15.61 17.53 -25.53
C ARG A 357 16.35 18.56 -26.37
N ARG A 358 15.63 19.54 -26.92
CA ARG A 358 16.26 20.61 -27.69
C ARG A 358 17.09 21.54 -26.80
N LYS A 359 16.77 21.60 -25.50
CA LYS A 359 17.18 22.70 -24.65
C LYS A 359 18.35 22.36 -23.74
N ALA A 360 18.66 21.09 -23.55
CA ALA A 360 19.70 20.67 -22.63
C ALA A 360 20.79 19.88 -23.35
N LYS A 361 21.94 19.75 -22.70
CA LYS A 361 22.95 18.80 -23.16
C LYS A 361 23.69 18.24 -21.94
N ILE A 362 24.03 16.97 -22.02
CA ILE A 362 24.51 16.18 -20.90
C ILE A 362 26.00 15.92 -21.09
N ILE A 363 26.80 16.28 -20.10
CA ILE A 363 28.25 16.12 -20.10
C ILE A 363 28.58 15.11 -18.98
N ARG A 364 29.82 14.61 -18.99
CA ARG A 364 30.39 13.69 -18.00
C ARG A 364 29.64 12.36 -17.95
N ASP B 98 9.59 -14.17 -32.05
CA ASP B 98 10.80 -14.55 -32.78
C ASP B 98 11.88 -15.04 -31.82
N GLY B 99 11.81 -14.58 -30.57
CA GLY B 99 12.79 -14.96 -29.57
C GLY B 99 12.51 -16.28 -28.89
N ILE B 100 11.52 -17.03 -29.37
CA ILE B 100 11.22 -18.35 -28.82
C ILE B 100 12.34 -19.32 -29.15
N ASP B 101 12.91 -19.17 -30.36
CA ASP B 101 13.95 -20.07 -30.83
C ASP B 101 15.23 -19.94 -30.02
N LYS B 102 15.65 -18.70 -29.76
CA LYS B 102 16.83 -18.45 -28.95
C LYS B 102 16.65 -18.96 -27.52
N ALA B 103 15.43 -18.82 -26.98
CA ALA B 103 15.13 -19.33 -25.65
C ALA B 103 15.16 -20.85 -25.61
N GLN B 104 14.74 -21.51 -26.70
CA GLN B 104 14.80 -22.97 -26.74
C GLN B 104 16.24 -23.46 -26.84
N GLU B 105 17.09 -22.75 -27.59
CA GLU B 105 18.49 -23.14 -27.65
C GLU B 105 19.23 -22.88 -26.34
N GLU B 106 18.96 -21.75 -25.68
CA GLU B 106 19.57 -21.54 -24.38
C GLU B 106 19.00 -22.44 -23.29
N HIS B 107 17.77 -22.94 -23.45
CA HIS B 107 17.32 -23.93 -22.48
C HIS B 107 17.92 -25.30 -22.73
N GLU B 108 18.07 -25.73 -23.99
CA GLU B 108 18.73 -27.01 -24.21
C GLU B 108 20.22 -26.96 -23.91
N LYS B 109 20.83 -25.77 -23.92
CA LYS B 109 22.19 -25.63 -23.42
C LYS B 109 22.28 -25.57 -21.89
N TYR B 110 21.42 -24.79 -21.22
CA TYR B 110 21.65 -24.45 -19.83
C TYR B 110 20.61 -24.97 -18.85
N HIS B 111 19.45 -25.42 -19.34
CA HIS B 111 18.29 -25.81 -18.52
C HIS B 111 17.87 -24.67 -17.58
N SER B 112 17.53 -23.54 -18.19
CA SER B 112 17.17 -22.34 -17.47
C SER B 112 15.72 -22.39 -17.02
N ASN B 113 15.41 -21.66 -15.96
CA ASN B 113 14.04 -21.53 -15.51
C ASN B 113 13.28 -20.62 -16.48
N TRP B 114 11.95 -20.66 -16.39
CA TRP B 114 11.15 -19.79 -17.24
C TRP B 114 11.23 -18.33 -16.82
N ARG B 115 11.62 -18.06 -15.58
CA ARG B 115 11.92 -16.69 -15.14
C ARG B 115 13.06 -16.08 -15.94
N ALA B 116 14.12 -16.85 -16.17
CA ALA B 116 15.24 -16.35 -16.94
C ALA B 116 14.92 -16.23 -18.41
N MET B 117 14.15 -17.17 -18.96
CA MET B 117 13.83 -17.13 -20.38
C MET B 117 12.81 -16.06 -20.72
N ALA B 118 11.88 -15.79 -19.80
CA ALA B 118 10.88 -14.76 -20.03
C ALA B 118 11.41 -13.36 -19.79
N SER B 119 12.62 -13.22 -19.27
CA SER B 119 13.23 -11.92 -19.02
C SER B 119 14.41 -11.63 -19.92
N ASP B 120 15.22 -12.63 -20.27
CA ASP B 120 16.35 -12.40 -21.16
C ASP B 120 15.95 -12.38 -22.63
N PHE B 121 14.70 -12.70 -22.96
CA PHE B 121 14.28 -12.75 -24.35
C PHE B 121 12.95 -12.04 -24.61
N ASN B 122 12.38 -11.39 -23.59
CA ASN B 122 11.13 -10.62 -23.68
C ASN B 122 9.97 -11.50 -24.17
N LEU B 123 9.84 -12.65 -23.55
CA LEU B 123 8.80 -13.60 -23.86
C LEU B 123 7.65 -13.47 -22.87
N PRO B 124 6.45 -13.84 -23.28
CA PRO B 124 5.39 -14.08 -22.31
C PRO B 124 5.74 -15.27 -21.43
N PRO B 125 5.36 -15.25 -20.15
CA PRO B 125 5.77 -16.34 -19.26
C PRO B 125 5.11 -17.67 -19.55
N VAL B 126 3.99 -17.69 -20.27
CA VAL B 126 3.38 -18.96 -20.65
C VAL B 126 4.23 -19.64 -21.72
N VAL B 127 4.85 -18.86 -22.61
CA VAL B 127 5.69 -19.43 -23.66
C VAL B 127 6.97 -20.02 -23.07
N ALA B 128 7.64 -19.27 -22.18
CA ALA B 128 8.84 -19.79 -21.54
C ALA B 128 8.52 -20.93 -20.58
N LYS B 129 7.34 -20.89 -19.96
CA LYS B 129 6.90 -22.00 -19.13
C LYS B 129 6.65 -23.25 -19.96
N GLU B 130 6.14 -23.09 -21.18
CA GLU B 130 5.96 -24.24 -22.05
C GLU B 130 7.29 -24.75 -22.59
N ILE B 131 8.26 -23.85 -22.78
CA ILE B 131 9.60 -24.25 -23.21
C ILE B 131 10.27 -25.09 -22.12
N VAL B 132 10.19 -24.64 -20.87
CA VAL B 132 10.79 -25.41 -19.78
C VAL B 132 9.94 -26.63 -19.42
N ALA B 133 8.67 -26.67 -19.82
CA ALA B 133 7.81 -27.81 -19.53
C ALA B 133 7.90 -28.91 -20.59
N SER B 134 8.23 -28.56 -21.83
CA SER B 134 8.42 -29.57 -22.86
C SER B 134 9.76 -30.27 -22.72
N CYS B 135 10.69 -29.70 -21.97
CA CYS B 135 11.98 -30.33 -21.74
C CYS B 135 11.81 -31.46 -20.73
N ASP B 136 12.21 -32.67 -21.12
CA ASP B 136 12.00 -33.83 -20.26
C ASP B 136 13.02 -33.88 -19.13
N LYS B 137 14.12 -33.14 -19.23
CA LYS B 137 15.17 -33.11 -18.21
C LYS B 137 14.68 -32.57 -16.86
N CYS B 138 13.71 -31.66 -16.88
CA CYS B 138 13.27 -30.98 -15.67
C CYS B 138 12.07 -31.66 -15.01
N GLN B 139 11.52 -32.70 -15.62
CA GLN B 139 10.36 -33.40 -15.07
C GLN B 139 10.78 -34.56 -14.18
N SER B 152 5.44 -24.87 -0.51
CA SER B 152 6.56 -24.36 0.26
C SER B 152 6.46 -22.88 0.74
N PRO B 153 5.95 -21.92 -0.05
CA PRO B 153 5.74 -20.58 0.53
C PRO B 153 4.59 -20.47 1.50
N GLY B 154 3.66 -21.42 1.50
CA GLY B 154 2.53 -21.38 2.41
C GLY B 154 2.69 -22.17 3.68
N ILE B 155 3.84 -22.80 3.91
CA ILE B 155 4.06 -23.64 5.07
C ILE B 155 4.47 -22.76 6.25
N TRP B 156 3.78 -22.93 7.37
CA TRP B 156 4.17 -22.35 8.64
C TRP B 156 4.42 -23.47 9.63
N GLN B 157 5.10 -23.15 10.72
CA GLN B 157 5.40 -24.13 11.75
C GLN B 157 5.10 -23.53 13.10
N LEU B 158 4.32 -24.24 13.90
CA LEU B 158 3.76 -23.70 15.12
C LEU B 158 4.31 -24.43 16.34
N ASP B 159 4.60 -23.67 17.38
CA ASP B 159 5.07 -24.28 18.63
C ASP B 159 4.68 -23.38 19.79
N CYS B 160 4.78 -23.94 20.99
CA CYS B 160 4.56 -23.20 22.23
C CYS B 160 5.81 -23.30 23.08
N THR B 161 6.38 -22.14 23.41
CA THR B 161 7.48 -22.07 24.36
C THR B 161 6.98 -21.53 25.69
N HIS B 162 7.83 -21.69 26.71
CA HIS B 162 7.48 -21.27 28.07
C HIS B 162 8.59 -20.40 28.61
N LEU B 163 8.20 -19.25 29.16
CA LEU B 163 9.14 -18.26 29.67
C LEU B 163 8.46 -17.47 30.76
N GLU B 164 9.10 -17.39 31.93
CA GLU B 164 8.61 -16.68 33.11
C GLU B 164 7.23 -17.16 33.56
N GLY B 165 6.94 -18.44 33.36
CA GLY B 165 5.63 -18.98 33.68
C GLY B 165 4.56 -18.70 32.65
N LYS B 166 4.87 -17.95 31.61
CA LYS B 166 3.92 -17.65 30.54
C LYS B 166 4.21 -18.55 29.34
N VAL B 167 3.19 -18.70 28.49
CA VAL B 167 3.26 -19.54 27.31
C VAL B 167 3.17 -18.65 26.07
N ILE B 168 4.07 -18.90 25.11
CA ILE B 168 4.23 -18.06 23.93
C ILE B 168 3.99 -18.95 22.71
N LEU B 169 2.95 -18.64 21.94
CA LEU B 169 2.76 -19.26 20.65
C LEU B 169 3.65 -18.60 19.60
N VAL B 170 4.48 -19.41 18.94
CA VAL B 170 5.40 -18.93 17.92
C VAL B 170 5.09 -19.64 16.62
N ALA B 171 4.88 -18.87 15.56
CA ALA B 171 4.72 -19.39 14.21
C ALA B 171 5.89 -18.91 13.37
N VAL B 172 6.49 -19.83 12.63
CA VAL B 172 7.66 -19.53 11.80
C VAL B 172 7.31 -19.88 10.36
N HIS B 173 7.47 -18.91 9.47
CA HIS B 173 7.45 -19.17 8.05
C HIS B 173 8.74 -19.89 7.68
N VAL B 174 8.65 -21.18 7.33
CA VAL B 174 9.83 -22.01 7.19
C VAL B 174 10.65 -21.69 5.96
N ALA B 175 10.08 -20.95 5.01
CA ALA B 175 10.81 -20.55 3.81
C ALA B 175 11.62 -19.29 4.01
N SER B 176 11.26 -18.45 4.97
CA SER B 176 11.94 -17.18 5.19
C SER B 176 12.47 -16.99 6.60
N GLY B 177 11.97 -17.71 7.59
CA GLY B 177 12.35 -17.47 8.95
C GLY B 177 11.61 -16.35 9.63
N TYR B 178 10.59 -15.81 8.97
CA TYR B 178 9.77 -14.76 9.54
C TYR B 178 8.94 -15.34 10.68
N ILE B 179 9.08 -14.79 11.87
CA ILE B 179 8.38 -15.31 13.03
C ILE B 179 7.18 -14.43 13.33
N GLU B 180 6.31 -14.96 14.17
CA GLU B 180 5.11 -14.26 14.62
C GLU B 180 4.74 -14.90 15.95
N ALA B 181 4.94 -14.17 17.05
CA ALA B 181 4.82 -14.75 18.37
C ALA B 181 3.91 -13.91 19.24
N GLU B 182 3.11 -14.59 20.06
CA GLU B 182 2.18 -13.95 20.98
C GLU B 182 2.24 -14.67 22.32
N VAL B 183 2.28 -13.90 23.39
CA VAL B 183 2.05 -14.47 24.72
C VAL B 183 0.56 -14.75 24.84
N ILE B 184 0.20 -16.01 25.02
CA ILE B 184 -1.20 -16.40 25.15
C ILE B 184 -1.49 -16.63 26.63
N PRO B 185 -2.72 -16.39 27.10
CA PRO B 185 -2.99 -16.59 28.52
C PRO B 185 -3.01 -18.03 28.97
N ALA B 186 -3.28 -18.97 28.07
CA ALA B 186 -3.30 -20.38 28.41
C ALA B 186 -2.98 -21.20 27.17
N GLU B 187 -2.38 -22.36 27.39
CA GLU B 187 -2.10 -23.31 26.31
C GLU B 187 -3.37 -24.12 26.03
N THR B 188 -4.33 -23.44 25.43
CA THR B 188 -5.67 -23.96 25.17
C THR B 188 -5.89 -23.90 23.67
N GLY B 189 -6.66 -24.86 23.14
CA GLY B 189 -7.03 -24.85 21.74
C GLY B 189 -7.85 -23.64 21.32
N GLN B 190 -8.53 -22.98 22.27
CA GLN B 190 -9.24 -21.75 21.95
C GLN B 190 -8.27 -20.63 21.60
N GLU B 191 -7.22 -20.47 22.42
CA GLU B 191 -6.19 -19.47 22.15
C GLU B 191 -5.38 -19.82 20.92
N THR B 192 -5.14 -21.10 20.68
CA THR B 192 -4.41 -21.53 19.49
C THR B 192 -5.23 -21.29 18.24
N ALA B 193 -6.54 -21.52 18.30
CA ALA B 193 -7.40 -21.25 17.16
C ALA B 193 -7.50 -19.76 16.88
N TYR B 194 -7.50 -18.94 17.94
CA TYR B 194 -7.48 -17.49 17.76
C TYR B 194 -6.19 -17.03 17.11
N PHE B 195 -5.05 -17.58 17.55
CA PHE B 195 -3.76 -17.27 16.95
C PHE B 195 -3.71 -17.68 15.48
N LEU B 196 -4.24 -18.86 15.17
CA LEU B 196 -4.22 -19.34 13.80
C LEU B 196 -5.14 -18.56 12.89
N LEU B 197 -6.29 -18.11 13.40
CA LEU B 197 -7.18 -17.28 12.61
C LEU B 197 -6.59 -15.90 12.36
N LYS B 198 -5.90 -15.34 13.36
CA LYS B 198 -5.18 -14.08 13.19
C LYS B 198 -4.07 -14.21 12.14
N LEU B 199 -3.31 -15.30 12.22
CA LEU B 199 -2.20 -15.52 11.30
C LEU B 199 -2.71 -15.77 9.88
N ALA B 200 -3.81 -16.52 9.74
CA ALA B 200 -4.37 -16.80 8.43
C ALA B 200 -4.98 -15.55 7.82
N GLY B 201 -5.55 -14.67 8.64
CA GLY B 201 -6.00 -13.39 8.12
C GLY B 201 -4.89 -12.43 7.80
N ARG B 202 -3.71 -12.63 8.39
CA ARG B 202 -2.60 -11.72 8.16
C ARG B 202 -1.74 -12.12 6.97
N TRP B 203 -1.48 -13.41 6.79
CA TRP B 203 -0.61 -13.95 5.77
C TRP B 203 -1.31 -15.07 5.03
N PRO B 204 -0.91 -15.38 3.79
CA PRO B 204 -1.51 -16.54 3.12
C PRO B 204 -0.99 -17.88 3.63
N VAL B 205 -1.62 -18.37 4.69
CA VAL B 205 -1.23 -19.61 5.34
C VAL B 205 -1.94 -20.77 4.66
N LYS B 206 -1.19 -21.81 4.31
CA LYS B 206 -1.74 -23.00 3.67
C LYS B 206 -1.55 -24.28 4.46
N THR B 207 -0.48 -24.38 5.26
CA THR B 207 -0.19 -25.58 6.03
C THR B 207 0.54 -25.16 7.30
N VAL B 208 0.13 -25.72 8.44
CA VAL B 208 0.85 -25.57 9.69
C VAL B 208 1.39 -26.91 10.12
N HIS B 209 2.59 -26.92 10.69
CA HIS B 209 3.23 -28.11 11.19
C HIS B 209 3.38 -27.99 12.69
N THR B 210 2.64 -28.81 13.43
CA THR B 210 2.61 -28.77 14.88
C THR B 210 3.15 -30.08 15.44
N ASP B 211 3.20 -30.18 16.78
CA ASP B 211 3.95 -31.24 17.45
C ASP B 211 3.07 -32.16 18.28
N ASN B 212 1.85 -32.48 17.79
CA ASN B 212 0.91 -33.43 18.42
C ASN B 212 0.53 -33.03 19.84
N GLY B 213 0.50 -31.73 20.10
CA GLY B 213 0.10 -31.26 21.41
C GLY B 213 -1.38 -31.38 21.63
N SER B 214 -1.79 -31.26 22.89
CA SER B 214 -3.21 -31.32 23.20
C SER B 214 -3.95 -30.08 22.74
N ASN B 215 -3.26 -28.95 22.61
CA ASN B 215 -3.86 -27.73 22.12
C ASN B 215 -3.80 -27.58 20.62
N PHE B 216 -3.00 -28.39 19.93
CA PHE B 216 -2.93 -28.31 18.49
C PHE B 216 -3.85 -29.29 17.79
N THR B 217 -4.20 -30.40 18.45
CA THR B 217 -5.12 -31.38 17.90
C THR B 217 -6.53 -31.20 18.43
N SER B 218 -6.87 -30.01 18.89
CA SER B 218 -8.19 -29.73 19.41
C SER B 218 -9.21 -29.63 18.27
N THR B 219 -10.48 -29.74 18.63
CA THR B 219 -11.54 -29.56 17.63
C THR B 219 -11.72 -28.09 17.28
N THR B 220 -11.35 -27.19 18.19
CA THR B 220 -11.47 -25.76 17.91
C THR B 220 -10.43 -25.33 16.89
N VAL B 221 -9.20 -25.83 17.02
CA VAL B 221 -8.16 -25.56 16.04
C VAL B 221 -8.48 -26.24 14.73
N LYS B 222 -9.11 -27.42 14.77
CA LYS B 222 -9.51 -28.10 13.54
C LYS B 222 -10.58 -27.33 12.81
N ALA B 223 -11.54 -26.75 13.53
CA ALA B 223 -12.57 -25.93 12.89
C ALA B 223 -11.99 -24.61 12.37
N ALA B 224 -11.02 -24.04 13.08
CA ALA B 224 -10.36 -22.83 12.62
C ALA B 224 -9.54 -23.10 11.35
N CYS B 225 -8.91 -24.27 11.28
CA CYS B 225 -8.18 -24.62 10.07
C CYS B 225 -9.11 -24.99 8.93
N TRP B 226 -10.28 -25.53 9.25
CA TRP B 226 -11.26 -25.84 8.20
C TRP B 226 -11.85 -24.57 7.62
N TRP B 227 -12.08 -23.56 8.46
CA TRP B 227 -12.67 -22.32 7.98
C TRP B 227 -11.70 -21.54 7.11
N ALA B 228 -10.46 -21.42 7.55
CA ALA B 228 -9.48 -20.65 6.80
C ALA B 228 -8.82 -21.44 5.69
N GLY B 229 -9.15 -22.72 5.54
CA GLY B 229 -8.58 -23.52 4.48
C GLY B 229 -7.13 -23.90 4.71
N ILE B 230 -6.78 -24.25 5.95
CA ILE B 230 -5.42 -24.58 6.33
C ILE B 230 -5.31 -26.08 6.51
N LYS B 231 -4.37 -26.70 5.80
CA LYS B 231 -4.04 -28.09 6.05
C LYS B 231 -3.26 -28.20 7.35
N GLN B 232 -3.48 -29.28 8.08
CA GLN B 232 -2.91 -29.45 9.41
C GLN B 232 -2.10 -30.73 9.43
N GLU B 233 -0.78 -30.58 9.44
CA GLU B 233 0.13 -31.71 9.47
C GLU B 233 0.73 -31.86 10.86
N PHE B 234 1.05 -33.10 11.22
CA PHE B 234 1.59 -33.38 12.54
C PHE B 234 2.86 -34.22 12.44
N VAL B 245 14.25 -26.27 12.44
CA VAL B 245 13.93 -24.91 12.06
C VAL B 245 13.19 -24.21 13.20
N ILE B 246 12.13 -24.85 13.68
CA ILE B 246 11.29 -24.24 14.70
C ILE B 246 12.00 -24.12 16.05
N GLU B 247 12.79 -25.11 16.46
CA GLU B 247 13.45 -25.04 17.76
C GLU B 247 14.63 -24.07 17.73
N SER B 248 15.33 -23.97 16.59
CA SER B 248 16.38 -22.97 16.46
C SER B 248 15.79 -21.57 16.41
N MET B 249 14.61 -21.43 15.82
CA MET B 249 13.95 -20.13 15.83
C MET B 249 13.44 -19.76 17.22
N ASN B 250 12.96 -20.73 17.99
CA ASN B 250 12.58 -20.46 19.37
C ASN B 250 13.81 -20.10 20.22
N LYS B 251 14.95 -20.72 19.93
CA LYS B 251 16.18 -20.37 20.65
C LYS B 251 16.64 -18.96 20.33
N GLU B 252 16.60 -18.56 19.06
CA GLU B 252 16.96 -17.19 18.69
C GLU B 252 15.97 -16.17 19.25
N LEU B 253 14.68 -16.51 19.25
CA LEU B 253 13.67 -15.60 19.79
C LEU B 253 13.83 -15.46 21.31
N LYS B 254 14.16 -16.54 22.00
CA LYS B 254 14.41 -16.46 23.44
C LYS B 254 15.68 -15.67 23.75
N LYS B 255 16.68 -15.76 22.87
CA LYS B 255 17.88 -14.93 23.03
C LYS B 255 17.55 -13.44 22.89
N ILE B 256 16.73 -13.08 21.91
CA ILE B 256 16.38 -11.67 21.75
C ILE B 256 15.45 -11.19 22.87
N ILE B 257 14.58 -12.07 23.38
CA ILE B 257 13.72 -11.71 24.51
C ILE B 257 14.57 -11.47 25.76
N GLY B 258 15.59 -12.30 25.98
CA GLY B 258 16.53 -12.05 27.06
C GLY B 258 17.35 -10.81 26.85
N GLN B 259 17.58 -10.42 25.59
CA GLN B 259 18.30 -9.17 25.33
C GLN B 259 17.45 -7.95 25.66
N VAL B 260 16.16 -7.98 25.34
CA VAL B 260 15.32 -6.79 25.46
C VAL B 260 14.34 -6.88 26.63
N ARG B 261 14.54 -7.81 27.55
CA ARG B 261 13.68 -7.90 28.73
C ARG B 261 13.82 -6.69 29.64
N ASP B 262 14.98 -6.04 29.65
CA ASP B 262 15.18 -4.86 30.48
C ASP B 262 14.46 -3.63 29.96
N GLN B 263 13.99 -3.64 28.72
CA GLN B 263 13.38 -2.46 28.10
C GLN B 263 11.87 -2.41 28.27
N ALA B 264 11.25 -3.45 28.80
CA ALA B 264 9.80 -3.53 28.90
C ALA B 264 9.40 -3.97 30.31
N GLU B 265 8.22 -3.54 30.72
CA GLU B 265 7.70 -3.90 32.03
C GLU B 265 7.09 -5.30 32.02
N HIS B 266 6.33 -5.63 30.99
CA HIS B 266 5.67 -6.93 30.89
C HIS B 266 6.34 -7.78 29.82
N LEU B 267 6.03 -9.08 29.85
CA LEU B 267 6.71 -10.02 28.99
C LEU B 267 6.22 -9.93 27.55
N LYS B 268 4.93 -9.69 27.34
CA LYS B 268 4.39 -9.69 25.99
C LYS B 268 4.89 -8.51 25.18
N THR B 269 5.17 -7.38 25.84
CA THR B 269 5.84 -6.28 25.18
C THR B 269 7.24 -6.67 24.73
N ALA B 270 7.97 -7.40 25.57
CA ALA B 270 9.31 -7.85 25.20
C ALA B 270 9.27 -8.88 24.08
N VAL B 271 8.21 -9.69 24.04
CA VAL B 271 8.05 -10.67 22.97
C VAL B 271 7.78 -9.98 21.65
N GLN B 272 6.92 -8.95 21.65
CA GLN B 272 6.68 -8.22 20.41
C GLN B 272 7.89 -7.39 19.98
N MET B 273 8.67 -6.89 20.94
CA MET B 273 9.91 -6.20 20.62
C MET B 273 10.92 -7.15 19.99
N ALA B 274 10.99 -8.37 20.49
CA ALA B 274 11.89 -9.37 19.91
C ALA B 274 11.41 -9.82 18.54
N VAL B 275 10.10 -9.87 18.32
CA VAL B 275 9.57 -10.20 16.99
C VAL B 275 9.92 -9.11 16.00
N PHE B 276 9.85 -7.84 16.43
CA PHE B 276 10.31 -6.72 15.62
C PHE B 276 11.79 -6.84 15.27
N ILE B 277 12.62 -7.13 16.25
CA ILE B 277 14.08 -7.18 16.05
C ILE B 277 14.46 -8.36 15.17
N HIS B 278 13.77 -9.48 15.32
CA HIS B 278 14.05 -10.64 14.47
C HIS B 278 13.61 -10.40 13.04
N ASN B 279 12.43 -9.81 12.84
CA ASN B 279 11.89 -9.70 11.50
C ASN B 279 12.50 -8.55 10.71
N PHE B 280 12.97 -7.50 11.38
CA PHE B 280 13.40 -6.31 10.65
C PHE B 280 14.76 -5.75 11.04
N LYS B 281 15.39 -6.26 12.10
CA LYS B 281 16.67 -5.73 12.52
C LYS B 281 17.80 -6.74 12.44
N ARG B 282 17.50 -8.03 12.34
CA ARG B 282 18.51 -9.05 12.15
C ARG B 282 18.56 -9.41 10.67
N LYS B 283 19.74 -9.30 10.08
CA LYS B 283 19.93 -9.62 8.67
C LYS B 283 20.92 -10.78 8.54
N GLY B 284 20.88 -11.42 7.38
CA GLY B 284 21.76 -12.54 7.11
C GLY B 284 21.43 -13.24 5.82
N GLY B 285 21.82 -14.50 5.70
CA GLY B 285 21.57 -15.24 4.47
C GLY B 285 22.62 -14.92 3.45
N ILE B 286 22.23 -14.98 2.17
CA ILE B 286 23.18 -14.78 1.08
C ILE B 286 23.16 -13.33 0.62
N GLY B 287 21.99 -12.69 0.64
CA GLY B 287 21.88 -11.32 0.21
C GLY B 287 21.91 -10.28 1.30
N GLY B 288 21.87 -10.69 2.56
CA GLY B 288 21.85 -9.74 3.64
C GLY B 288 20.51 -9.09 3.88
N TYR B 289 19.42 -9.82 3.68
CA TYR B 289 18.08 -9.28 3.87
C TYR B 289 17.52 -9.74 5.21
N SER B 290 16.55 -8.99 5.71
CA SER B 290 15.85 -9.38 6.92
C SER B 290 14.76 -10.39 6.58
N ALA B 291 14.11 -10.93 7.61
CA ALA B 291 13.09 -11.94 7.39
C ALA B 291 11.83 -11.36 6.78
N GLY B 292 11.54 -10.08 7.04
CA GLY B 292 10.37 -9.46 6.45
C GLY B 292 10.51 -9.23 4.95
N GLU B 293 11.69 -8.78 4.52
CA GLU B 293 11.97 -8.65 3.10
C GLU B 293 11.95 -10.01 2.40
N ARG B 294 12.43 -11.04 3.09
CA ARG B 294 12.45 -12.38 2.51
C ARG B 294 11.05 -12.95 2.37
N ILE B 295 10.18 -12.74 3.36
CA ILE B 295 8.81 -13.26 3.22
C ILE B 295 8.03 -12.45 2.20
N VAL B 296 8.34 -11.15 2.05
CA VAL B 296 7.63 -10.35 1.05
C VAL B 296 8.05 -10.78 -0.36
N ASP B 297 9.33 -11.04 -0.57
CA ASP B 297 9.80 -11.53 -1.87
C ASP B 297 9.28 -12.94 -2.17
N ILE B 298 9.24 -13.81 -1.16
CA ILE B 298 8.77 -15.18 -1.34
C ILE B 298 7.29 -15.20 -1.67
N ILE B 299 6.50 -14.37 -0.99
CA ILE B 299 5.07 -14.38 -1.24
C ILE B 299 4.72 -13.63 -2.53
N ALA B 300 5.53 -12.65 -2.95
CA ALA B 300 5.36 -12.06 -4.28
C ALA B 300 5.67 -13.07 -5.38
N THR B 301 6.69 -13.89 -5.18
CA THR B 301 6.97 -14.99 -6.09
C THR B 301 5.83 -16.00 -6.13
N ASP B 302 5.21 -16.27 -4.99
CA ASP B 302 4.07 -17.19 -4.97
C ASP B 302 2.85 -16.59 -5.67
N ILE B 303 2.66 -15.28 -5.56
CA ILE B 303 1.57 -14.62 -6.27
C ILE B 303 1.80 -14.69 -7.77
N GLN B 304 3.04 -14.52 -8.21
CA GLN B 304 3.38 -14.68 -9.63
C GLN B 304 3.15 -16.12 -10.10
N THR B 305 3.48 -17.09 -9.25
CA THR B 305 3.27 -18.50 -9.60
C THR B 305 1.78 -18.82 -9.74
N LYS B 306 0.97 -18.33 -8.81
CA LYS B 306 -0.47 -18.58 -8.87
C LYS B 306 -1.12 -17.84 -10.03
N GLU B 307 -0.63 -16.64 -10.36
CA GLU B 307 -1.16 -15.92 -11.50
C GLU B 307 -0.78 -16.59 -12.81
N LEU B 308 0.42 -17.16 -12.91
CA LEU B 308 0.78 -17.91 -14.10
C LEU B 308 -0.03 -19.19 -14.22
N GLN B 309 -0.33 -19.83 -13.10
CA GLN B 309 -1.16 -21.03 -13.16
C GLN B 309 -2.60 -20.70 -13.54
N LYS B 310 -3.10 -19.55 -13.09
CA LYS B 310 -4.42 -19.09 -13.52
C LYS B 310 -4.44 -18.77 -15.00
N GLN B 311 -3.37 -18.13 -15.50
CA GLN B 311 -3.28 -17.80 -16.92
C GLN B 311 -3.14 -19.06 -17.78
N ILE B 312 -2.51 -20.10 -17.25
CA ILE B 312 -2.37 -21.35 -17.99
C ILE B 312 -3.70 -22.11 -18.00
N THR B 313 -4.39 -22.12 -16.86
CA THR B 313 -5.67 -22.81 -16.77
C THR B 313 -6.75 -22.12 -17.58
N LYS B 314 -6.62 -20.79 -17.79
CA LYS B 314 -7.57 -20.07 -18.61
C LYS B 314 -7.49 -20.46 -20.09
N ILE B 315 -6.34 -20.92 -20.57
CA ILE B 315 -6.16 -21.23 -21.98
C ILE B 315 -5.79 -22.69 -22.22
N GLN B 316 -5.90 -23.53 -21.21
CA GLN B 316 -5.68 -24.96 -21.41
C GLN B 316 -6.90 -25.66 -22.00
N ASN B 317 -8.03 -24.97 -22.09
CA ASN B 317 -9.25 -25.52 -22.64
C ASN B 317 -9.47 -25.13 -24.09
N PHE B 318 -8.52 -24.41 -24.69
CA PHE B 318 -8.65 -23.95 -26.06
C PHE B 318 -7.90 -24.88 -27.00
N ARG B 319 -8.36 -24.95 -28.25
CA ARG B 319 -7.70 -25.68 -29.30
C ARG B 319 -7.69 -24.81 -30.55
N VAL B 320 -6.54 -24.71 -31.21
CA VAL B 320 -6.37 -23.80 -32.33
C VAL B 320 -6.14 -24.60 -33.59
N TYR B 321 -6.88 -24.23 -34.64
CA TYR B 321 -6.70 -24.77 -35.98
C TYR B 321 -6.07 -23.67 -36.83
N TYR B 322 -4.90 -23.93 -37.39
CA TYR B 322 -4.06 -22.90 -37.98
C TYR B 322 -3.70 -23.25 -39.42
N ARG B 323 -3.10 -22.26 -40.09
CA ARG B 323 -2.74 -22.28 -41.52
C ARG B 323 -3.93 -22.61 -42.42
N TRP B 330 -5.73 -26.75 -43.33
CA TRP B 330 -5.88 -26.47 -41.90
C TRP B 330 -5.38 -27.64 -41.08
N LYS B 331 -4.26 -27.45 -40.38
CA LYS B 331 -3.65 -28.52 -39.63
C LYS B 331 -4.32 -28.68 -38.26
N GLY B 332 -3.77 -29.59 -37.45
CA GLY B 332 -4.51 -30.18 -36.36
C GLY B 332 -4.69 -29.26 -35.17
N PRO B 333 -5.26 -29.82 -34.11
CA PRO B 333 -5.60 -29.00 -32.93
C PRO B 333 -4.38 -28.67 -32.07
N ALA B 334 -3.67 -27.60 -32.41
CA ALA B 334 -2.60 -27.13 -31.57
C ALA B 334 -3.14 -26.56 -30.27
N LYS B 335 -2.28 -26.48 -29.27
CA LYS B 335 -2.69 -25.89 -28.00
C LYS B 335 -2.20 -24.45 -27.92
N LEU B 336 -3.05 -23.59 -27.38
CA LEU B 336 -2.77 -22.15 -27.33
C LEU B 336 -1.85 -21.84 -26.16
N LEU B 337 -0.83 -21.03 -26.42
CA LEU B 337 0.07 -20.54 -25.38
C LEU B 337 -0.06 -19.06 -25.14
N TRP B 338 -0.40 -18.29 -26.16
CA TRP B 338 -0.49 -16.85 -26.06
C TRP B 338 -1.37 -16.34 -27.20
N LYS B 339 -2.25 -15.40 -26.88
CA LYS B 339 -3.14 -14.77 -27.85
C LYS B 339 -2.91 -13.27 -27.73
N GLY B 340 -2.13 -12.72 -28.65
CA GLY B 340 -1.71 -11.33 -28.57
C GLY B 340 -2.57 -10.41 -29.39
N GLU B 341 -2.02 -9.23 -29.68
CA GLU B 341 -2.79 -8.20 -30.37
C GLU B 341 -2.90 -8.46 -31.86
N GLY B 342 -1.93 -9.13 -32.47
CA GLY B 342 -1.98 -9.40 -33.89
C GLY B 342 -1.61 -10.83 -34.25
N ALA B 343 -1.09 -11.58 -33.28
CA ALA B 343 -0.61 -12.93 -33.52
C ALA B 343 -0.97 -13.82 -32.34
N VAL B 344 -1.14 -15.11 -32.63
CA VAL B 344 -1.30 -16.12 -31.60
C VAL B 344 -0.04 -16.97 -31.59
N VAL B 345 0.24 -17.57 -30.44
CA VAL B 345 1.38 -18.46 -30.28
C VAL B 345 0.80 -19.81 -29.90
N ILE B 346 1.11 -20.84 -30.68
CA ILE B 346 0.54 -22.16 -30.40
C ILE B 346 1.65 -23.19 -30.35
N GLN B 347 1.33 -24.39 -29.87
CA GLN B 347 2.23 -25.51 -29.89
C GLN B 347 1.53 -26.68 -30.56
N ASP B 348 2.11 -27.17 -31.65
CA ASP B 348 1.61 -28.33 -32.38
C ASP B 348 2.76 -29.31 -32.53
N ASN B 349 2.47 -30.60 -32.35
CA ASN B 349 3.44 -31.70 -32.46
C ASN B 349 4.64 -31.51 -31.51
N SER B 350 4.35 -30.93 -30.34
CA SER B 350 5.34 -30.53 -29.33
C SER B 350 6.42 -29.60 -29.89
N ASP B 351 6.03 -28.68 -30.76
CA ASP B 351 6.91 -27.56 -31.09
C ASP B 351 6.07 -26.31 -31.28
N ILE B 352 6.68 -25.16 -30.95
CA ILE B 352 5.96 -23.90 -30.80
C ILE B 352 6.13 -23.06 -32.06
N LYS B 353 5.03 -22.47 -32.53
CA LYS B 353 5.04 -21.61 -33.69
C LYS B 353 4.14 -20.41 -33.46
N VAL B 354 4.49 -19.30 -34.09
CA VAL B 354 3.69 -18.07 -34.05
C VAL B 354 2.92 -17.94 -35.36
N VAL B 355 1.61 -17.74 -35.24
CA VAL B 355 0.67 -17.73 -36.36
C VAL B 355 -0.03 -16.36 -36.33
N PRO B 356 -0.36 -15.76 -37.47
CA PRO B 356 -1.18 -14.55 -37.46
C PRO B 356 -2.59 -14.81 -36.92
N ARG B 357 -3.27 -13.72 -36.58
CA ARG B 357 -4.56 -13.81 -35.90
C ARG B 357 -5.66 -14.30 -36.83
N ARG B 358 -5.70 -13.80 -38.06
CA ARG B 358 -6.73 -14.25 -39.00
C ARG B 358 -6.43 -15.61 -39.59
N LYS B 359 -5.20 -16.11 -39.48
CA LYS B 359 -4.86 -17.44 -39.95
C LYS B 359 -5.02 -18.51 -38.88
N ALA B 360 -5.77 -18.24 -37.81
CA ALA B 360 -6.01 -19.19 -36.75
C ALA B 360 -7.46 -19.12 -36.31
N LYS B 361 -7.99 -20.26 -35.90
CA LYS B 361 -9.34 -20.35 -35.34
C LYS B 361 -9.27 -21.03 -33.99
N ILE B 362 -9.76 -20.36 -32.95
CA ILE B 362 -9.67 -20.82 -31.58
C ILE B 362 -11.03 -21.34 -31.15
N ILE B 363 -11.08 -22.60 -30.72
CA ILE B 363 -12.32 -23.25 -30.30
C ILE B 363 -12.14 -23.70 -28.87
N ARG B 364 -13.03 -23.27 -27.98
CA ARG B 364 -12.98 -23.69 -26.58
C ARG B 364 -13.55 -25.10 -26.47
N ASP B 365 -12.70 -26.07 -26.18
CA ASP B 365 -13.15 -27.45 -26.00
C ASP B 365 -12.43 -28.12 -24.84
N LEU C 308 23.15 -1.66 -16.98
CA LEU C 308 22.56 -0.35 -16.75
C LEU C 308 21.29 -0.13 -17.55
N GLN C 309 21.37 -0.32 -18.86
CA GLN C 309 20.20 -0.12 -19.70
C GLN C 309 19.16 -1.21 -19.46
N LYS C 310 19.61 -2.42 -19.12
CA LYS C 310 18.68 -3.47 -18.73
C LYS C 310 18.01 -3.15 -17.39
N GLN C 311 18.72 -2.46 -16.50
CA GLN C 311 18.12 -2.05 -15.23
C GLN C 311 17.15 -0.89 -15.43
N ILE C 312 17.41 -0.03 -16.41
CA ILE C 312 16.48 1.04 -16.74
C ILE C 312 15.19 0.46 -17.32
N THR C 313 15.30 -0.51 -18.23
CA THR C 313 14.12 -1.15 -18.77
C THR C 313 13.44 -2.03 -17.73
N LYS C 314 14.18 -2.48 -16.72
CA LYS C 314 13.58 -3.22 -15.61
C LYS C 314 12.75 -2.31 -14.72
N ILE C 315 13.28 -1.13 -14.40
CA ILE C 315 12.54 -0.20 -13.56
C ILE C 315 11.40 0.47 -14.32
N GLN C 316 11.42 0.42 -15.66
CA GLN C 316 10.30 0.94 -16.41
C GLN C 316 9.15 -0.05 -16.55
N ASN C 317 9.31 -1.26 -16.00
CA ASN C 317 8.23 -2.25 -16.04
C ASN C 317 7.23 -2.06 -14.93
N PHE C 318 7.53 -1.22 -13.94
CA PHE C 318 6.62 -0.97 -12.84
C PHE C 318 5.58 0.07 -13.23
N ARG C 319 4.36 -0.14 -12.77
CA ARG C 319 3.22 0.73 -13.04
C ARG C 319 2.97 1.62 -11.84
N VAL C 320 2.55 2.85 -12.11
CA VAL C 320 2.29 3.86 -11.09
C VAL C 320 0.86 4.35 -11.24
N TYR C 321 0.12 4.36 -10.13
CA TYR C 321 -1.21 4.94 -10.06
C TYR C 321 -1.10 6.20 -9.24
N TYR C 322 -1.40 7.34 -9.84
CA TYR C 322 -1.09 8.62 -9.23
C TYR C 322 -2.34 9.48 -9.16
N ARG C 323 -2.20 10.63 -8.52
CA ARG C 323 -3.28 11.60 -8.39
C ARG C 323 -2.70 13.01 -8.47
N ASP C 324 -3.50 13.93 -8.98
CA ASP C 324 -3.16 15.34 -8.96
C ASP C 324 -3.80 16.00 -7.75
N SER C 325 -3.46 17.28 -7.53
CA SER C 325 -3.75 17.93 -6.26
C SER C 325 -5.24 18.24 -6.06
N ARG C 326 -6.01 18.44 -7.13
CA ARG C 326 -7.42 18.75 -6.94
C ARG C 326 -8.30 17.86 -7.81
N ASP C 327 -7.84 16.65 -8.11
CA ASP C 327 -8.65 15.65 -8.78
C ASP C 327 -8.66 14.41 -7.88
N PRO C 328 -9.81 14.00 -7.34
CA PRO C 328 -9.83 12.92 -6.36
C PRO C 328 -9.75 11.52 -6.93
N VAL C 329 -9.70 11.36 -8.25
CA VAL C 329 -9.76 10.04 -8.88
C VAL C 329 -8.35 9.63 -9.28
N TRP C 330 -8.09 8.33 -9.27
CA TRP C 330 -6.74 7.82 -9.50
C TRP C 330 -6.49 7.63 -10.99
N LYS C 331 -5.46 8.29 -11.50
CA LYS C 331 -5.08 8.11 -12.89
C LYS C 331 -4.43 6.76 -13.11
N GLY C 332 -4.44 6.30 -14.35
CA GLY C 332 -4.16 4.93 -14.69
C GLY C 332 -2.70 4.53 -14.57
N PRO C 333 -2.36 3.35 -15.09
CA PRO C 333 -1.02 2.80 -14.87
C PRO C 333 0.06 3.48 -15.70
N ALA C 334 0.60 4.57 -15.18
CA ALA C 334 1.73 5.23 -15.82
C ALA C 334 2.98 4.38 -15.69
N LYS C 335 3.92 4.62 -16.60
CA LYS C 335 5.19 3.91 -16.62
C LYS C 335 6.18 4.62 -15.71
N LEU C 336 6.77 3.89 -14.78
CA LEU C 336 7.75 4.48 -13.87
C LEU C 336 9.05 4.78 -14.59
N LEU C 337 9.54 5.99 -14.45
CA LEU C 337 10.83 6.35 -15.03
C LEU C 337 11.90 6.54 -13.97
N TRP C 338 11.56 7.16 -12.84
CA TRP C 338 12.55 7.43 -11.82
C TRP C 338 11.85 7.50 -10.48
N LYS C 339 12.50 6.99 -9.43
CA LYS C 339 11.93 6.98 -8.09
C LYS C 339 12.90 7.62 -7.12
N GLY C 340 12.45 8.69 -6.46
CA GLY C 340 13.21 9.32 -5.41
C GLY C 340 12.54 9.15 -4.05
N GLU C 341 13.13 9.79 -3.05
CA GLU C 341 12.59 9.72 -1.71
C GLU C 341 11.34 10.58 -1.53
N GLY C 342 11.12 11.56 -2.40
CA GLY C 342 9.95 12.41 -2.26
C GLY C 342 9.25 12.69 -3.57
N ALA C 343 9.82 12.25 -4.67
CA ALA C 343 9.22 12.50 -5.98
C ALA C 343 9.36 11.26 -6.84
N VAL C 344 8.45 11.14 -7.81
CA VAL C 344 8.35 10.00 -8.69
C VAL C 344 8.14 10.54 -10.10
N VAL C 345 9.08 10.29 -10.98
CA VAL C 345 8.97 10.72 -12.37
C VAL C 345 8.37 9.58 -13.18
N ILE C 346 7.24 9.86 -13.83
CA ILE C 346 6.45 8.88 -14.56
C ILE C 346 6.26 9.35 -15.99
N GLN C 347 5.69 8.46 -16.80
CA GLN C 347 5.32 8.77 -18.17
C GLN C 347 3.89 8.28 -18.39
N ASP C 348 2.93 9.20 -18.32
CA ASP C 348 1.52 8.89 -18.56
C ASP C 348 1.05 9.69 -19.77
N ASN C 349 0.37 9.00 -20.69
CA ASN C 349 -0.26 9.61 -21.88
C ASN C 349 0.77 10.32 -22.75
N SER C 350 1.97 9.71 -22.82
CA SER C 350 3.15 10.25 -23.52
C SER C 350 3.55 11.62 -22.99
N ASP C 351 3.32 11.84 -21.69
CA ASP C 351 3.67 13.09 -21.02
C ASP C 351 4.49 12.73 -19.78
N ILE C 352 5.70 13.28 -19.68
CA ILE C 352 6.53 13.06 -18.51
C ILE C 352 6.01 13.92 -17.37
N LYS C 353 5.66 13.28 -16.26
CA LYS C 353 5.09 13.98 -15.12
C LYS C 353 5.94 13.70 -13.89
N VAL C 354 5.88 14.63 -12.93
CA VAL C 354 6.54 14.48 -11.64
C VAL C 354 5.44 14.47 -10.58
N VAL C 355 5.27 13.35 -9.92
CA VAL C 355 4.26 13.16 -8.88
C VAL C 355 4.99 13.22 -7.55
N PRO C 356 4.37 13.71 -6.48
CA PRO C 356 4.92 13.50 -5.15
C PRO C 356 4.89 12.02 -4.77
N ARG C 357 5.74 11.66 -3.80
CA ARG C 357 5.77 10.28 -3.33
C ARG C 357 4.50 9.92 -2.57
N ARG C 358 3.89 10.89 -1.92
CA ARG C 358 2.65 10.69 -1.18
C ARG C 358 1.44 10.55 -2.09
N LYS C 359 1.57 10.86 -3.37
CA LYS C 359 0.44 10.83 -4.29
C LYS C 359 0.57 9.72 -5.31
N ALA C 360 1.30 8.65 -4.98
CA ALA C 360 1.59 7.62 -5.96
C ALA C 360 1.58 6.26 -5.30
N LYS C 361 1.04 5.27 -6.02
CA LYS C 361 1.08 3.87 -5.63
C LYS C 361 1.80 3.12 -6.75
N ILE C 362 3.02 2.68 -6.48
CA ILE C 362 3.82 1.98 -7.47
C ILE C 362 3.71 0.48 -7.21
N ILE C 363 3.20 -0.26 -8.20
CA ILE C 363 3.10 -1.70 -8.12
C ILE C 363 3.77 -2.29 -9.36
N ARG C 364 4.02 -3.59 -9.30
CA ARG C 364 4.31 -4.40 -10.48
C ARG C 364 3.12 -5.34 -10.58
N ASP C 365 2.17 -5.02 -11.46
CA ASP C 365 0.93 -5.78 -11.59
C ASP C 365 1.25 -7.20 -12.04
N TYR C 366 1.00 -8.18 -11.16
CA TYR C 366 1.38 -9.57 -11.42
C TYR C 366 0.41 -10.28 -12.36
N GLY C 367 -0.47 -9.55 -13.05
CA GLY C 367 -1.07 -9.99 -14.29
C GLY C 367 -0.21 -9.58 -15.47
N LYS C 368 1.10 -9.45 -15.22
CA LYS C 368 2.18 -9.38 -16.20
C LYS C 368 2.50 -10.73 -16.80
N GLN C 369 1.86 -11.80 -16.32
CA GLN C 369 2.01 -13.13 -16.87
C GLN C 369 1.22 -13.32 -18.16
N MET C 370 0.50 -12.30 -18.61
CA MET C 370 -0.09 -12.28 -19.94
C MET C 370 0.62 -11.31 -20.88
N ALA C 371 0.68 -10.03 -20.54
CA ALA C 371 1.28 -9.01 -21.39
C ALA C 371 2.75 -8.83 -21.05
N GLY C 372 3.31 -7.68 -21.43
CA GLY C 372 4.69 -7.35 -21.12
C GLY C 372 5.57 -7.28 -22.35
N ASN D 317 -0.84 40.06 2.28
CA ASN D 317 -1.55 39.74 3.51
C ASN D 317 -2.94 39.21 3.17
N PHE D 318 -3.42 38.28 3.99
CA PHE D 318 -4.69 37.60 3.74
C PHE D 318 -5.54 37.63 5.00
N ARG D 319 -6.85 37.50 4.79
CA ARG D 319 -7.82 37.34 5.86
C ARG D 319 -8.41 35.95 5.73
N VAL D 320 -8.36 35.16 6.80
CA VAL D 320 -8.92 33.82 6.80
C VAL D 320 -10.07 33.77 7.79
N TYR D 321 -11.23 33.35 7.30
CA TYR D 321 -12.40 33.10 8.13
C TYR D 321 -12.60 31.60 8.20
N TYR D 322 -12.77 31.07 9.40
CA TYR D 322 -12.61 29.64 9.60
C TYR D 322 -13.69 29.07 10.49
N ARG D 323 -13.75 27.74 10.51
CA ARG D 323 -14.65 26.97 11.35
C ARG D 323 -13.81 25.93 12.07
N ASP D 324 -13.83 25.94 13.40
CA ASP D 324 -12.70 25.38 14.14
C ASP D 324 -12.97 24.05 14.85
N SER D 325 -13.90 24.00 15.79
CA SER D 325 -13.92 22.84 16.70
C SER D 325 -15.31 22.71 17.31
N ARG D 326 -16.10 21.77 16.79
CA ARG D 326 -17.42 21.39 17.34
C ARG D 326 -18.37 22.58 17.42
N ASP D 327 -18.19 23.54 16.55
CA ASP D 327 -18.85 24.84 16.67
C ASP D 327 -19.23 25.31 15.28
N PRO D 328 -20.53 25.47 15.02
CA PRO D 328 -20.94 25.91 13.67
C PRO D 328 -20.70 27.39 13.41
N VAL D 329 -20.34 28.16 14.44
CA VAL D 329 -20.08 29.58 14.25
C VAL D 329 -18.73 29.77 13.57
N TRP D 330 -18.67 30.73 12.65
CA TRP D 330 -17.47 31.03 11.89
C TRP D 330 -16.71 32.16 12.58
N LYS D 331 -15.42 31.95 12.77
CA LYS D 331 -14.57 32.95 13.38
C LYS D 331 -13.71 33.61 12.31
N GLY D 332 -12.90 34.57 12.74
CA GLY D 332 -12.08 35.32 11.81
C GLY D 332 -12.30 36.81 11.91
N PRO D 333 -11.50 37.59 11.17
CA PRO D 333 -10.43 37.18 10.26
C PRO D 333 -9.10 36.92 10.97
N ALA D 334 -8.29 36.06 10.36
CA ALA D 334 -7.00 35.66 10.91
C ALA D 334 -5.92 35.85 9.86
N LYS D 335 -4.67 35.82 10.30
CA LYS D 335 -3.56 35.98 9.39
C LYS D 335 -3.11 34.62 8.85
N LEU D 336 -3.05 34.51 7.53
CA LEU D 336 -2.65 33.28 6.88
C LEU D 336 -1.14 33.10 6.98
N LEU D 337 -0.71 32.11 7.75
CA LEU D 337 0.70 31.79 7.88
C LEU D 337 1.18 30.81 6.84
N TRP D 338 0.34 29.85 6.45
CA TRP D 338 0.74 28.81 5.53
C TRP D 338 -0.49 28.32 4.79
N LYS D 339 -0.38 28.16 3.48
CA LYS D 339 -1.45 27.61 2.67
C LYS D 339 -0.90 26.39 1.95
N GLY D 340 -1.28 25.21 2.40
CA GLY D 340 -0.91 23.98 1.75
C GLY D 340 -2.06 23.42 0.94
N GLU D 341 -1.75 22.39 0.18
CA GLU D 341 -2.78 21.63 -0.53
C GLU D 341 -3.59 20.86 0.49
N GLY D 342 -4.82 21.30 0.76
CA GLY D 342 -5.66 20.59 1.70
C GLY D 342 -5.96 21.28 3.03
N ALA D 343 -4.99 22.01 3.58
CA ALA D 343 -5.18 22.67 4.87
C ALA D 343 -4.38 23.96 4.90
N VAL D 344 -4.68 24.79 5.89
CA VAL D 344 -4.02 26.08 6.11
C VAL D 344 -3.62 26.20 7.57
N VAL D 345 -2.56 26.95 7.81
CA VAL D 345 -2.11 27.32 9.14
C VAL D 345 -2.32 28.82 9.28
N ILE D 346 -3.11 29.22 10.27
CA ILE D 346 -3.55 30.60 10.46
C ILE D 346 -3.22 31.02 11.88
N GLN D 347 -3.34 32.32 12.13
CA GLN D 347 -3.05 32.89 13.44
C GLN D 347 -4.16 33.87 13.79
N ASP D 348 -4.99 33.50 14.76
CA ASP D 348 -6.07 34.34 15.25
C ASP D 348 -5.82 34.63 16.72
N ASN D 349 -5.68 35.92 17.04
CA ASN D 349 -5.53 36.44 18.41
C ASN D 349 -4.34 35.80 19.12
N SER D 350 -3.21 35.75 18.40
CA SER D 350 -1.97 35.09 18.84
C SER D 350 -2.18 33.61 19.17
N ASP D 351 -3.08 32.95 18.45
CA ASP D 351 -3.30 31.50 18.57
C ASP D 351 -3.15 30.91 17.18
N ILE D 352 -2.21 29.98 17.03
CA ILE D 352 -1.94 29.37 15.73
C ILE D 352 -2.79 28.10 15.60
N LYS D 353 -3.61 28.05 14.56
CA LYS D 353 -4.54 26.95 14.34
C LYS D 353 -4.34 26.37 12.95
N VAL D 354 -4.49 25.05 12.84
CA VAL D 354 -4.45 24.36 11.58
C VAL D 354 -5.88 23.98 11.22
N VAL D 355 -6.37 24.50 10.11
CA VAL D 355 -7.76 24.37 9.70
C VAL D 355 -7.77 23.73 8.33
N PRO D 356 -8.64 22.75 8.03
CA PRO D 356 -8.75 22.26 6.66
C PRO D 356 -9.37 23.33 5.77
N ARG D 357 -9.05 23.24 4.48
CA ARG D 357 -9.49 24.25 3.53
C ARG D 357 -10.98 24.17 3.22
N ARG D 358 -11.65 23.09 3.57
CA ARG D 358 -13.11 23.06 3.50
C ARG D 358 -13.75 23.92 4.56
N LYS D 359 -13.07 24.15 5.67
CA LYS D 359 -13.62 24.91 6.78
C LYS D 359 -12.92 26.26 6.90
N ALA D 360 -12.45 26.80 5.77
CA ALA D 360 -11.73 28.07 5.78
C ALA D 360 -11.96 28.76 4.45
N LYS D 361 -12.03 30.09 4.51
CA LYS D 361 -12.13 30.93 3.33
C LYS D 361 -11.08 32.02 3.44
N ILE D 362 -10.28 32.16 2.39
CA ILE D 362 -9.16 33.11 2.36
C ILE D 362 -9.51 34.22 1.38
N ILE D 363 -9.36 35.47 1.83
CA ILE D 363 -9.58 36.65 1.00
C ILE D 363 -8.29 37.45 0.98
N ARG D 364 -7.88 37.90 -0.20
CA ARG D 364 -6.66 38.68 -0.31
C ARG D 364 -6.94 40.10 0.16
MG MG G . -11.00 7.63 16.39
MG MG H . -13.54 6.62 13.43
ZN ZN I . -22.79 40.95 5.06
NAA XXJ J . -16.04 11.86 15.65
OAB XXJ J . -17.04 11.13 13.52
OAC XXJ J . -14.50 7.92 13.32
OAD XXJ J . -10.92 12.76 22.11
OAE XXJ J . -12.66 14.16 21.77
OAF XXJ J . -12.51 7.31 15.14
FAG XXJ J . -15.47 11.90 6.75
FAH XXJ J . -15.63 8.60 10.09
CAI XXJ J . -8.41 17.12 20.79
CAJ XXJ J . -9.31 16.92 19.75
CAK XXJ J . -8.45 16.31 21.90
CAL XXJ J . -17.16 12.03 8.41
CAM XXJ J . -10.23 15.90 19.82
CAN XXJ J . -9.37 15.28 21.97
CAO XXJ J . -17.75 11.51 9.53
CAP XXJ J . -12.13 9.91 18.45
CAQ XXJ J . -15.54 10.25 8.40
CAR XXJ J . -13.96 11.29 17.64
CAS XXJ J . -13.00 12.05 19.67
CAT XXJ J . -17.76 9.66 11.32
CAU XXJ J . -11.77 12.93 19.52
NAV XXJ J . -12.28 9.09 17.38
NAW XXJ J . -16.68 9.30 12.23
CAX XXJ J . -16.39 10.15 13.36
CAY XXJ J . -16.06 11.39 7.85
CAZ XXJ J . -12.99 11.01 18.56
CBA XXJ J . -15.16 10.72 15.53
CBB XXJ J . -16.12 9.73 9.53
CBC XXJ J . -17.22 10.35 10.08
CBD XXJ J . -10.25 15.09 20.93
CBE XXJ J . -15.29 9.83 14.38
CBF XXJ J . -14.40 8.65 14.24
CBG XXJ J . -14.09 10.46 16.58
CBH XXJ J . -13.24 9.35 16.44
NBI XXJ J . -13.37 8.41 15.25
SBJ XXJ J . -11.43 13.71 21.12
ZN ZN K . 14.87 -28.38 -19.23
#